data_4I2Y
#
_entry.id   4I2Y
#
_cell.length_a   65.160
_cell.length_b   91.730
_cell.length_c   68.570
_cell.angle_alpha   90.00
_cell.angle_beta   95.29
_cell.angle_gamma   90.00
#
_symmetry.space_group_name_H-M   'P 1 21 1'
#
loop_
_entity.id
_entity.type
_entity.pdbx_description
1 polymer RGECO1
2 non-polymer 'CALCIUM ION'
3 water water
#
_entity_poly.entity_id   1
_entity_poly.type   'polypeptide(L)'
_entity_poly.pdbx_seq_one_letter_code
;MHHHHHHSSRRKWNKAGHAVRAIGRLSSPVVSERMYPEDGALKSEIKKGLRLKDGGHYAAEVKTTYKAKKPVQLPGAYIV
DIKLDIVSHNEDYTIVEQCERAEGRHSTGGMDELYKGGTGGSLVSKGEEDNMAIIKEFMRFKVHMEGSVNGHEFEIEGEG
EGRPYEAFQTAKLKVTKGGPLPFAWDILSPQF(NRQ)SKAYIKHPADIPDYFKLSFPEGFRWERVMNFEDGGIIHVNQDS
SLQDGVFIYKVKLRGTNFPPDGPVMQKKTMGWEATRDQLTEEQIAEFKEAFSLFDKDGDGTITTKELGTVMRSLGQNPTE
AELQDMINEVDADGDGTFDFPEFLTMMARKMNDTDSEEEIREAFRVFDKDGNGYIGAAELRHVMTDLGEKLTDEEVDEMI
RVADIDGDGQVNYEEFVQMMTAK
;
_entity_poly.pdbx_strand_id   A,B
#
# COMPACT_ATOMS: atom_id res chain seq x y z
N SER A 9 -7.14 -39.02 20.72
CA SER A 9 -7.63 -38.64 22.08
C SER A 9 -6.58 -37.73 22.67
N ARG A 10 -5.37 -38.23 22.65
CA ARG A 10 -4.24 -37.39 22.90
C ARG A 10 -4.19 -36.27 21.83
N ARG A 11 -4.61 -36.61 20.63
CA ARG A 11 -4.63 -35.65 19.56
C ARG A 11 -5.59 -34.55 19.90
N LYS A 12 -6.75 -34.90 20.44
CA LYS A 12 -7.73 -33.92 20.87
C LYS A 12 -7.15 -32.97 21.96
N TRP A 13 -6.33 -33.47 22.86
CA TRP A 13 -5.68 -32.65 23.84
C TRP A 13 -4.70 -31.76 23.13
N ASN A 14 -3.98 -32.25 22.13
CA ASN A 14 -2.99 -31.38 21.53
C ASN A 14 -3.57 -30.29 20.63
N LYS A 15 -4.64 -30.64 19.93
CA LYS A 15 -5.44 -29.69 19.18
C LYS A 15 -5.88 -28.49 20.03
N ALA A 16 -6.52 -28.79 21.15
CA ALA A 16 -6.99 -27.81 22.11
C ALA A 16 -5.82 -27.06 22.75
N GLY A 17 -4.80 -27.80 23.16
CA GLY A 17 -3.61 -27.13 23.82
C GLY A 17 -2.89 -26.12 22.89
N HIS A 18 -2.71 -26.50 21.63
CA HIS A 18 -2.12 -25.63 20.62
C HIS A 18 -2.94 -24.41 20.32
N ALA A 19 -4.26 -24.58 20.23
CA ALA A 19 -5.14 -23.41 20.06
C ALA A 19 -5.04 -22.36 21.19
N VAL A 20 -5.15 -22.82 22.42
CA VAL A 20 -4.93 -21.97 23.63
C VAL A 20 -3.53 -21.31 23.66
N ARG A 21 -2.48 -22.06 23.35
CA ARG A 21 -1.14 -21.43 23.26
C ARG A 21 -1.08 -20.39 22.13
N ALA A 22 -1.83 -20.63 21.06
CA ALA A 22 -1.87 -19.68 19.94
C ALA A 22 -2.47 -18.36 20.40
N ILE A 23 -3.51 -18.44 21.22
CA ILE A 23 -4.15 -17.26 21.74
C ILE A 23 -3.18 -16.50 22.61
N GLY A 24 -2.51 -17.25 23.50
CA GLY A 24 -1.41 -16.78 24.30
C GLY A 24 -0.34 -16.07 23.50
N ARG A 25 0.13 -16.70 22.40
CA ARG A 25 1.14 -16.01 21.56
C ARG A 25 0.63 -14.80 20.80
N LEU A 26 -0.61 -14.89 20.33
CA LEU A 26 -1.20 -13.77 19.62
C LEU A 26 -1.31 -12.54 20.56
N SER A 27 -1.60 -12.83 21.83
CA SER A 27 -1.64 -11.83 22.90
C SER A 27 -0.26 -11.42 23.44
N SER A 28 0.80 -12.10 23.08
CA SER A 28 2.12 -11.68 23.52
C SER A 28 3.17 -11.83 22.39
N PRO A 29 3.32 -10.79 21.57
CA PRO A 29 4.21 -10.89 20.37
C PRO A 29 5.69 -10.93 20.70
N VAL A 30 6.50 -11.53 19.83
CA VAL A 30 7.95 -11.57 20.10
C VAL A 30 8.44 -10.10 20.28
N VAL A 31 9.43 -9.96 21.11
CA VAL A 31 10.14 -8.71 21.25
C VAL A 31 10.93 -8.54 19.94
N SER A 32 10.98 -7.32 19.46
CA SER A 32 11.81 -6.94 18.32
C SER A 32 13.09 -6.20 18.74
N GLU A 33 12.97 -5.27 19.66
CA GLU A 33 14.12 -4.47 20.05
C GLU A 33 14.05 -4.43 21.55
N ARG A 34 15.12 -4.85 22.20
CA ARG A 34 15.15 -4.89 23.63
C ARG A 34 15.92 -3.65 24.08
N MET A 35 15.29 -2.77 24.85
CA MET A 35 15.87 -1.50 25.25
C MET A 35 16.48 -1.60 26.67
N TYR A 36 17.62 -0.96 26.91
CA TYR A 36 18.20 -0.93 28.22
C TYR A 36 19.11 0.28 28.40
N PRO A 37 18.95 0.98 29.55
CA PRO A 37 19.74 2.16 29.89
C PRO A 37 21.14 1.77 30.23
N GLU A 38 22.12 2.48 29.71
CA GLU A 38 23.51 2.15 30.07
C GLU A 38 24.42 3.30 29.76
N ASP A 39 25.32 3.59 30.70
CA ASP A 39 26.37 4.58 30.49
C ASP A 39 25.82 5.92 29.99
N GLY A 40 24.62 6.28 30.45
CA GLY A 40 23.99 7.55 30.08
C GLY A 40 23.33 7.54 28.74
N ALA A 41 23.24 6.37 28.09
CA ALA A 41 22.60 6.25 26.77
C ALA A 41 21.41 5.27 26.93
N LEU A 42 20.47 5.31 26.00
CA LEU A 42 19.54 4.23 25.88
C LEU A 42 20.11 3.28 24.85
N LYS A 43 20.38 2.06 25.22
CA LYS A 43 20.85 1.13 24.29
C LYS A 43 19.78 0.11 23.95
N SER A 44 20.03 -0.63 22.87
CA SER A 44 19.16 -1.68 22.48
C SER A 44 19.87 -2.84 21.83
N GLU A 45 19.27 -4.01 21.92
CA GLU A 45 19.69 -5.18 21.09
C GLU A 45 18.54 -5.74 20.27
N ILE A 46 18.84 -6.14 19.03
CA ILE A 46 17.89 -6.81 18.12
C ILE A 46 18.55 -8.12 17.66
N LYS A 47 17.87 -9.25 17.90
CA LYS A 47 18.38 -10.58 17.58
C LYS A 47 17.71 -11.23 16.34
N LYS A 48 16.76 -10.52 15.79
CA LYS A 48 16.18 -10.87 14.53
C LYS A 48 17.29 -11.02 13.51
N GLY A 49 17.14 -11.96 12.61
CA GLY A 49 17.94 -12.03 11.39
C GLY A 49 17.02 -11.96 10.16
N LEU A 50 17.55 -12.38 9.01
CA LEU A 50 16.91 -12.25 7.71
C LEU A 50 16.46 -13.63 7.21
N ARG A 51 15.19 -13.71 6.80
CA ARG A 51 14.68 -14.89 6.13
C ARG A 51 15.24 -14.90 4.76
N LEU A 52 15.75 -16.03 4.35
CA LEU A 52 16.18 -16.21 2.97
C LEU A 52 15.09 -16.81 2.08
N LYS A 53 15.19 -16.53 0.78
CA LYS A 53 14.28 -17.09 -0.21
C LYS A 53 14.20 -18.62 -0.17
N ASP A 54 15.29 -19.31 0.18
CA ASP A 54 15.30 -20.78 0.31
C ASP A 54 14.69 -21.27 1.62
N GLY A 55 14.16 -20.35 2.42
CA GLY A 55 13.45 -20.68 3.68
C GLY A 55 14.32 -20.67 4.92
N GLY A 56 15.65 -20.63 4.73
CA GLY A 56 16.59 -20.59 5.81
C GLY A 56 16.54 -19.23 6.49
N HIS A 57 17.46 -19.00 7.40
CA HIS A 57 17.53 -17.85 8.25
C HIS A 57 18.99 -17.41 8.19
N TYR A 58 19.23 -16.11 8.04
CA TYR A 58 20.58 -15.55 8.05
C TYR A 58 20.67 -14.68 9.26
N ALA A 59 21.44 -15.09 10.25
CA ALA A 59 21.42 -14.52 11.59
C ALA A 59 22.13 -13.19 11.63
N ALA A 60 21.56 -12.28 12.41
CA ALA A 60 22.22 -11.03 12.66
C ALA A 60 22.17 -10.68 14.14
N GLU A 61 23.11 -9.85 14.54
CA GLU A 61 23.11 -9.25 15.85
C GLU A 61 23.21 -7.74 15.68
N VAL A 62 22.33 -7.00 16.32
CA VAL A 62 22.32 -5.57 16.10
C VAL A 62 22.33 -4.84 17.39
N LYS A 63 23.30 -3.95 17.54
CA LYS A 63 23.48 -3.18 18.76
C LYS A 63 23.40 -1.69 18.43
N THR A 64 22.60 -0.99 19.20
CA THR A 64 22.37 0.40 19.01
C THR A 64 22.52 1.17 20.30
N THR A 65 23.14 2.35 20.13
CA THR A 65 23.21 3.34 21.17
C THR A 65 22.47 4.56 20.72
N TYR A 66 21.41 4.93 21.44
CA TYR A 66 20.72 6.15 21.26
C TYR A 66 21.07 7.19 22.35
N LYS A 67 21.32 8.43 21.93
CA LYS A 67 21.72 9.49 22.82
C LYS A 67 21.06 10.83 22.51
N ALA A 68 20.27 11.32 23.46
CA ALA A 68 19.54 12.59 23.28
C ALA A 68 20.58 13.66 23.21
N LYS A 69 20.27 14.75 22.50
CA LYS A 69 21.18 15.90 22.40
C LYS A 69 21.14 16.87 23.60
N LYS A 70 20.15 16.75 24.46
CA LYS A 70 20.12 17.47 25.74
C LYS A 70 19.86 16.38 26.81
N PRO A 71 20.09 16.69 28.09
CA PRO A 71 19.84 15.65 29.11
C PRO A 71 18.36 15.35 29.17
N VAL A 72 17.99 14.09 29.25
CA VAL A 72 16.61 13.66 29.19
C VAL A 72 16.48 12.46 30.08
N GLN A 73 15.36 12.35 30.78
CA GLN A 73 15.07 11.13 31.60
C GLN A 73 15.29 9.81 30.84
N LEU A 74 16.22 8.98 31.27
CA LEU A 74 16.34 7.62 30.77
C LEU A 74 15.25 6.75 31.37
N PRO A 75 14.70 5.82 30.59
CA PRO A 75 13.75 4.84 31.12
C PRO A 75 14.43 3.63 31.72
N GLY A 76 13.66 2.81 32.42
CA GLY A 76 14.14 1.50 32.79
C GLY A 76 14.06 0.64 31.57
N ALA A 77 14.66 -0.55 31.65
CA ALA A 77 14.61 -1.55 30.60
C ALA A 77 13.19 -1.86 30.11
N TYR A 78 13.01 -2.04 28.79
CA TYR A 78 11.73 -2.42 28.25
C TYR A 78 11.89 -2.97 26.80
N ILE A 79 10.75 -3.19 26.17
CA ILE A 79 10.62 -4.00 24.96
C ILE A 79 9.89 -3.15 23.93
N VAL A 80 10.30 -3.26 22.64
CA VAL A 80 9.55 -2.65 21.52
C VAL A 80 9.18 -3.74 20.52
N ASP A 81 7.89 -3.86 20.23
CA ASP A 81 7.39 -4.66 19.12
C ASP A 81 7.31 -3.76 17.92
N ILE A 82 7.90 -4.24 16.85
CA ILE A 82 7.98 -3.48 15.63
C ILE A 82 7.58 -4.42 14.52
N LYS A 83 6.67 -4.01 13.66
CA LYS A 83 6.41 -4.77 12.43
C LYS A 83 6.61 -3.83 11.28
N LEU A 84 7.58 -4.14 10.46
CA LEU A 84 7.93 -3.37 9.31
C LEU A 84 7.57 -4.16 8.06
N ASP A 85 6.87 -3.52 7.13
CA ASP A 85 6.59 -4.12 5.83
C ASP A 85 7.06 -3.23 4.69
N ILE A 86 7.50 -3.88 3.64
CA ILE A 86 7.74 -3.31 2.36
C ILE A 86 6.43 -3.37 1.63
N VAL A 87 5.83 -2.22 1.44
CA VAL A 87 4.49 -2.07 0.93
C VAL A 87 4.56 -2.16 -0.60
N SER A 88 5.59 -1.59 -1.20
CA SER A 88 5.73 -1.67 -2.62
C SER A 88 7.14 -1.27 -3.09
N HIS A 89 7.49 -1.64 -4.32
CA HIS A 89 8.77 -1.24 -4.86
C HIS A 89 8.74 -1.30 -6.37
N ASN A 90 9.55 -0.50 -7.07
CA ASN A 90 9.78 -0.76 -8.51
C ASN A 90 10.64 -2.01 -8.71
N GLU A 91 10.85 -2.37 -9.98
CA GLU A 91 11.55 -3.60 -10.35
C GLU A 91 12.95 -3.68 -9.73
N ASP A 92 13.74 -2.63 -9.84
CA ASP A 92 15.13 -2.68 -9.37
C ASP A 92 15.34 -2.08 -7.93
N TYR A 93 14.25 -1.85 -7.18
CA TYR A 93 14.30 -1.24 -5.86
C TYR A 93 14.90 0.18 -5.76
N THR A 94 14.81 0.98 -6.80
CA THR A 94 15.31 2.34 -6.66
C THR A 94 14.27 3.26 -6.04
N ILE A 95 13.04 2.78 -5.92
CA ILE A 95 11.99 3.49 -5.27
C ILE A 95 11.24 2.45 -4.40
N VAL A 96 11.12 2.75 -3.11
CA VAL A 96 10.54 1.79 -2.20
C VAL A 96 9.65 2.46 -1.22
N GLU A 97 8.55 1.76 -0.91
CA GLU A 97 7.61 2.18 0.11
C GLU A 97 7.61 1.19 1.21
N GLN A 98 7.81 1.68 2.43
CA GLN A 98 7.71 0.85 3.56
C GLN A 98 6.90 1.50 4.62
N CYS A 99 6.41 0.67 5.54
CA CYS A 99 5.60 1.15 6.62
C CYS A 99 5.85 0.29 7.87
N GLU A 100 5.55 0.82 9.05
CA GLU A 100 5.79 0.09 10.30
C GLU A 100 4.91 0.54 11.43
N ARG A 101 4.59 -0.37 12.34
CA ARG A 101 3.93 -0.05 13.60
C ARG A 101 4.81 -0.53 14.75
N ALA A 102 4.92 0.29 15.76
CA ALA A 102 5.82 0.05 16.84
C ALA A 102 5.14 0.48 18.10
N GLU A 103 5.38 -0.31 19.13
CA GLU A 103 4.82 -0.12 20.46
C GLU A 103 5.83 -0.58 21.51
N GLY A 104 6.07 0.29 22.49
CA GLY A 104 6.81 -0.07 23.70
C GLY A 104 5.91 -0.77 24.72
N ARG A 105 6.46 -1.80 25.37
CA ARG A 105 5.83 -2.51 26.53
C ARG A 105 6.89 -2.92 27.58
N HIS A 106 6.44 -3.31 28.77
CA HIS A 106 7.33 -3.71 29.88
C HIS A 106 7.97 -5.03 29.67
N ALA A 133 3.05 18.79 22.38
CA ALA A 133 2.73 20.03 21.64
C ALA A 133 3.51 20.18 20.35
N ILE A 134 4.83 20.04 20.45
CA ILE A 134 5.67 20.09 19.24
C ILE A 134 5.86 18.78 18.53
N ILE A 135 5.61 17.66 19.19
CA ILE A 135 5.41 16.42 18.44
C ILE A 135 3.92 16.31 18.34
N LYS A 136 3.36 16.71 17.20
CA LYS A 136 1.90 16.66 17.02
C LYS A 136 1.39 15.24 16.72
N GLU A 137 0.06 15.11 16.74
CA GLU A 137 -0.63 13.85 16.37
C GLU A 137 -0.24 13.25 15.00
N PHE A 138 0.07 14.14 14.08
CA PHE A 138 0.51 13.78 12.75
C PHE A 138 1.83 14.50 12.51
N MET A 139 2.84 13.77 12.03
CA MET A 139 4.19 14.35 11.76
C MET A 139 4.71 13.76 10.47
N ARG A 140 5.30 14.63 9.66
CA ARG A 140 6.07 14.25 8.48
C ARG A 140 7.57 14.20 8.83
N PHE A 141 8.33 13.44 8.05
CA PHE A 141 9.77 13.46 8.18
C PHE A 141 10.48 13.42 6.87
N LYS A 142 11.72 13.87 6.86
CA LYS A 142 12.52 13.78 5.65
C LYS A 142 13.78 13.06 6.02
N VAL A 143 14.24 12.14 5.15
CA VAL A 143 15.44 11.39 5.40
C VAL A 143 16.39 11.47 4.22
N HIS A 144 17.67 11.55 4.54
CA HIS A 144 18.75 11.49 3.59
C HIS A 144 19.78 10.49 4.13
N MET A 145 20.06 9.46 3.34
CA MET A 145 21.11 8.51 3.60
C MET A 145 22.24 8.61 2.57
N GLU A 146 23.45 8.52 3.05
CA GLU A 146 24.55 8.26 2.19
C GLU A 146 25.31 7.08 2.74
N GLY A 147 25.73 6.23 1.85
CA GLY A 147 26.51 5.12 2.29
C GLY A 147 27.30 4.32 1.29
N SER A 148 27.84 3.24 1.81
CA SER A 148 28.63 2.35 1.03
C SER A 148 28.45 0.91 1.50
N VAL A 149 28.26 -0.05 0.60
CA VAL A 149 28.25 -1.45 0.94
C VAL A 149 29.20 -2.25 0.03
N ASN A 150 30.18 -2.96 0.60
CA ASN A 150 31.28 -3.56 -0.18
C ASN A 150 31.90 -2.56 -1.20
N GLY A 151 32.04 -1.30 -0.82
CA GLY A 151 32.57 -0.27 -1.72
C GLY A 151 31.60 0.35 -2.72
N HIS A 152 30.35 -0.10 -2.76
CA HIS A 152 29.37 0.54 -3.63
C HIS A 152 28.69 1.73 -2.98
N GLU A 153 29.13 2.92 -3.34
CA GLU A 153 28.54 4.18 -2.87
C GLU A 153 27.14 4.47 -3.44
N PHE A 154 26.27 4.99 -2.59
CA PHE A 154 24.88 5.36 -2.95
C PHE A 154 24.35 6.48 -2.04
N GLU A 155 23.30 7.19 -2.50
CA GLU A 155 22.52 8.07 -1.70
C GLU A 155 21.05 7.75 -1.89
N ILE A 156 20.31 7.94 -0.82
CA ILE A 156 18.87 7.72 -0.78
C ILE A 156 18.29 8.99 -0.19
N GLU A 157 17.21 9.42 -0.78
CA GLU A 157 16.38 10.49 -0.22
C GLU A 157 14.97 9.97 -0.06
N GLY A 158 14.33 10.39 1.03
CA GLY A 158 13.03 9.88 1.33
C GLY A 158 12.15 10.86 2.12
N GLU A 159 10.88 10.52 2.22
CA GLU A 159 9.89 11.34 2.89
C GLU A 159 8.94 10.40 3.56
N GLY A 160 8.51 10.75 4.75
CA GLY A 160 7.60 9.85 5.46
C GLY A 160 6.55 10.55 6.25
N GLU A 161 5.66 9.78 6.84
CA GLU A 161 4.70 10.47 7.69
C GLU A 161 4.08 9.42 8.55
N GLY A 162 3.52 9.89 9.66
CA GLY A 162 2.70 8.99 10.47
C GLY A 162 2.16 9.62 11.71
N ARG A 163 1.82 8.76 12.64
CA ARG A 163 1.13 9.15 13.87
C ARG A 163 1.96 8.67 15.04
N PRO A 164 2.77 9.57 15.60
CA PRO A 164 3.80 9.22 16.58
C PRO A 164 3.30 8.52 17.85
N TYR A 165 2.06 8.76 18.26
CA TYR A 165 1.52 8.18 19.50
C TYR A 165 0.64 7.00 19.20
N GLU A 166 0.18 6.94 17.96
CA GLU A 166 -0.83 5.96 17.62
C GLU A 166 0.00 4.72 17.45
N ALA A 167 1.13 4.91 16.73
CA ALA A 167 2.06 3.87 16.46
C ALA A 167 2.07 3.53 14.99
N PHE A 168 2.08 4.50 14.07
CA PHE A 168 2.14 4.17 12.63
C PHE A 168 3.00 5.11 11.80
N GLN A 169 3.82 4.58 10.88
CA GLN A 169 4.53 5.42 9.90
C GLN A 169 4.75 4.73 8.55
N THR A 170 4.87 5.57 7.50
CA THR A 170 5.16 5.11 6.15
C THR A 170 6.12 6.11 5.60
N ALA A 171 6.87 5.62 4.64
CA ALA A 171 7.88 6.39 3.98
C ALA A 171 8.07 5.90 2.56
N LYS A 172 8.43 6.84 1.73
CA LYS A 172 8.84 6.56 0.36
C LYS A 172 10.35 6.89 0.15
N LEU A 173 11.11 5.90 -0.23
CA LEU A 173 12.55 6.10 -0.44
C LEU A 173 12.88 5.92 -1.89
N LYS A 174 13.81 6.75 -2.33
CA LYS A 174 14.28 6.82 -3.67
C LYS A 174 15.84 6.89 -3.67
N VAL A 175 16.43 5.97 -4.42
CA VAL A 175 17.86 5.94 -4.62
C VAL A 175 18.19 7.03 -5.62
N THR A 176 18.82 8.11 -5.15
CA THR A 176 19.25 9.20 -5.99
C THR A 176 20.66 9.05 -6.59
N LYS A 177 21.48 8.11 -6.10
CA LYS A 177 22.82 7.89 -6.65
C LYS A 177 23.26 6.50 -6.40
N GLY A 178 23.98 5.93 -7.36
CA GLY A 178 24.48 4.58 -7.27
C GLY A 178 23.41 3.52 -7.49
N GLY A 179 22.21 3.90 -7.94
CA GLY A 179 21.16 2.88 -8.22
C GLY A 179 21.40 2.23 -9.57
N PRO A 180 20.92 0.98 -9.77
CA PRO A 180 20.28 0.08 -8.83
C PRO A 180 21.32 -0.45 -7.84
N LEU A 181 20.85 -0.79 -6.63
CA LEU A 181 21.74 -1.12 -5.50
C LEU A 181 22.08 -2.60 -5.68
N PRO A 182 23.32 -2.99 -5.54
CA PRO A 182 23.58 -4.38 -5.83
C PRO A 182 23.52 -5.26 -4.56
N PHE A 183 22.56 -5.03 -3.70
CA PHE A 183 22.45 -5.85 -2.47
C PHE A 183 21.01 -5.74 -1.92
N ALA A 184 20.69 -6.54 -0.91
CA ALA A 184 19.33 -6.64 -0.42
C ALA A 184 18.91 -5.37 0.20
N TRP A 185 17.79 -4.84 -0.22
CA TRP A 185 17.17 -3.74 0.49
C TRP A 185 16.99 -3.89 1.98
N ASP A 186 16.76 -5.13 2.43
CA ASP A 186 16.53 -5.44 3.86
C ASP A 186 17.62 -4.92 4.78
N ILE A 187 18.87 -4.88 4.31
CA ILE A 187 19.87 -4.25 5.15
C ILE A 187 19.68 -2.76 5.37
N LEU A 188 18.87 -2.07 4.56
CA LEU A 188 18.68 -0.66 4.77
C LEU A 188 17.39 -0.35 5.47
N SER A 189 16.43 -1.26 5.41
CA SER A 189 15.08 -0.87 5.84
C SER A 189 15.00 -0.44 7.28
N PRO A 190 15.79 -1.07 8.17
CA PRO A 190 15.61 -0.61 9.55
C PRO A 190 16.38 0.67 9.87
N GLN A 191 16.99 1.27 8.87
CA GLN A 191 17.78 2.46 9.10
C GLN A 191 16.94 3.71 8.90
N PHE A 192 15.83 3.55 8.20
CA PHE A 192 14.99 4.67 7.88
C PHE A 192 13.91 4.79 8.96
N SER A 194 13.17 5.33 12.97
CA SER A 194 12.35 6.58 13.08
C SER A 194 11.68 6.43 14.46
N LYS A 195 12.48 6.69 15.51
CA LYS A 195 12.16 6.25 16.85
C LYS A 195 11.08 7.10 17.54
N ALA A 196 10.87 8.33 17.02
CA ALA A 196 9.78 9.15 17.49
C ALA A 196 8.43 8.50 17.30
N TYR A 197 8.30 7.55 16.38
CA TYR A 197 7.00 6.94 16.09
C TYR A 197 6.81 5.62 16.83
N ILE A 198 7.07 5.62 18.10
CA ILE A 198 6.84 4.41 18.87
C ILE A 198 5.86 4.78 19.98
N LYS A 199 4.79 4.02 20.08
CA LYS A 199 3.81 4.24 21.14
C LYS A 199 4.44 3.74 22.39
N HIS A 200 4.55 4.63 23.37
CA HIS A 200 5.06 4.31 24.70
C HIS A 200 3.96 4.49 25.71
N PRO A 201 3.82 3.53 26.62
CA PRO A 201 2.79 3.76 27.63
C PRO A 201 3.21 4.90 28.58
N ALA A 202 2.25 5.37 29.36
CA ALA A 202 2.45 6.59 30.12
C ALA A 202 3.50 6.38 31.18
N ASP A 203 3.61 5.18 31.74
CA ASP A 203 4.60 4.97 32.80
C ASP A 203 5.99 4.57 32.27
N ILE A 204 6.20 4.62 30.95
CA ILE A 204 7.55 4.37 30.41
C ILE A 204 7.98 5.65 29.72
N PRO A 205 8.85 6.45 30.35
CA PRO A 205 9.35 7.64 29.68
C PRO A 205 9.76 7.42 28.20
N ASP A 206 9.34 8.32 27.33
CA ASP A 206 9.65 8.29 25.93
C ASP A 206 10.86 9.15 25.64
N TYR A 207 12.01 8.47 25.66
CA TYR A 207 13.32 9.12 25.56
C TYR A 207 13.39 9.89 24.23
N PHE A 208 12.84 9.28 23.19
CA PHE A 208 12.91 9.83 21.83
C PHE A 208 12.05 11.11 21.70
N LYS A 209 10.79 11.01 22.10
CA LYS A 209 9.88 12.18 22.10
C LYS A 209 10.36 13.29 23.02
N LEU A 210 10.82 12.95 24.22
CA LEU A 210 11.27 13.95 25.17
C LEU A 210 12.55 14.71 24.70
N SER A 211 13.39 14.06 23.91
CA SER A 211 14.58 14.70 23.34
C SER A 211 14.29 15.88 22.39
N PHE A 212 13.10 15.95 21.83
CA PHE A 212 12.83 17.06 20.89
C PHE A 212 12.49 18.32 21.65
N PRO A 213 12.71 19.53 21.04
CA PRO A 213 13.06 19.81 19.64
C PRO A 213 14.49 19.55 19.22
N GLU A 214 15.44 19.53 20.12
CA GLU A 214 16.85 19.36 19.72
C GLU A 214 17.07 17.99 19.06
N GLY A 215 16.54 16.91 19.65
CA GLY A 215 16.57 15.61 19.01
C GLY A 215 17.56 14.60 19.53
N PHE A 216 17.98 13.71 18.67
CA PHE A 216 18.83 12.65 19.14
C PHE A 216 19.66 12.04 18.07
N ARG A 217 20.72 11.36 18.50
CA ARG A 217 21.59 10.62 17.59
C ARG A 217 21.59 9.18 17.97
N TRP A 218 21.93 8.36 16.99
CA TRP A 218 22.20 6.98 17.21
C TRP A 218 23.36 6.39 16.44
N GLU A 219 23.87 5.33 17.00
CA GLU A 219 24.91 4.60 16.36
C GLU A 219 24.65 3.11 16.49
N ARG A 220 24.92 2.39 15.42
CA ARG A 220 24.53 1.03 15.28
C ARG A 220 25.60 0.20 14.56
N VAL A 221 25.68 -1.06 14.97
CA VAL A 221 26.58 -2.02 14.44
C VAL A 221 25.83 -3.27 14.28
N MET A 222 25.92 -3.82 13.11
CA MET A 222 25.23 -5.05 12.76
C MET A 222 26.29 -6.01 12.30
N ASN A 223 26.33 -7.17 12.96
CA ASN A 223 27.09 -8.32 12.52
C ASN A 223 26.20 -9.42 11.99
N PHE A 224 26.60 -10.03 10.89
CA PHE A 224 25.83 -11.05 10.25
C PHE A 224 26.59 -12.36 10.26
N GLU A 225 25.87 -13.43 10.06
CA GLU A 225 26.42 -14.73 10.39
C GLU A 225 27.56 -15.13 9.48
N ASP A 226 27.63 -14.57 8.28
CA ASP A 226 28.78 -14.81 7.42
C ASP A 226 29.92 -13.78 7.59
N GLY A 227 29.92 -12.95 8.63
CA GLY A 227 31.00 -12.00 8.83
C GLY A 227 30.80 -10.60 8.23
N GLY A 228 29.67 -10.41 7.55
CA GLY A 228 29.33 -9.11 7.03
C GLY A 228 29.11 -8.13 8.16
N ILE A 229 29.52 -6.88 7.94
CA ILE A 229 29.38 -5.89 9.00
C ILE A 229 28.89 -4.51 8.47
N ILE A 230 28.01 -3.89 9.23
CA ILE A 230 27.49 -2.59 8.85
C ILE A 230 27.54 -1.67 10.05
N HIS A 231 28.11 -0.47 9.86
CA HIS A 231 28.14 0.56 10.90
C HIS A 231 27.25 1.64 10.40
N VAL A 232 26.36 2.15 11.27
CA VAL A 232 25.43 3.20 10.89
C VAL A 232 25.46 4.33 11.88
N ASN A 233 25.43 5.58 11.40
CA ASN A 233 25.29 6.76 12.22
C ASN A 233 24.06 7.51 11.76
N GLN A 234 23.28 7.97 12.73
CA GLN A 234 22.04 8.67 12.45
C GLN A 234 21.93 9.90 13.32
N ASP A 235 21.33 10.94 12.75
CA ASP A 235 21.02 12.15 13.48
C ASP A 235 19.56 12.50 13.24
N SER A 236 18.84 12.80 14.30
CA SER A 236 17.41 13.07 14.22
C SER A 236 17.12 14.39 14.83
N SER A 237 16.51 15.30 14.09
CA SER A 237 16.20 16.61 14.61
C SER A 237 14.83 17.05 14.10
N LEU A 238 14.44 18.25 14.49
CA LEU A 238 13.12 18.82 14.21
C LEU A 238 13.32 20.23 13.73
N GLN A 239 12.93 20.49 12.49
CA GLN A 239 13.02 21.80 11.88
C GLN A 239 11.69 22.20 11.29
N ASP A 240 11.15 23.33 11.71
CA ASP A 240 10.03 23.85 10.97
C ASP A 240 8.83 22.90 11.07
N GLY A 241 8.65 22.19 12.18
CA GLY A 241 7.59 21.15 12.29
C GLY A 241 7.78 19.81 11.62
N VAL A 242 8.93 19.57 11.01
CA VAL A 242 9.21 18.31 10.28
C VAL A 242 10.45 17.62 10.87
N PHE A 243 10.36 16.32 11.04
CA PHE A 243 11.52 15.50 11.46
C PHE A 243 12.52 15.43 10.29
N ILE A 244 13.76 15.78 10.56
CA ILE A 244 14.92 15.65 9.66
C ILE A 244 15.89 14.50 10.11
N TYR A 245 15.97 13.45 9.28
CA TYR A 245 16.85 12.33 9.55
C TYR A 245 18.04 12.34 8.59
N LYS A 246 19.24 12.18 9.13
CA LYS A 246 20.46 11.98 8.36
C LYS A 246 21.10 10.71 8.73
N VAL A 247 21.44 9.91 7.73
CA VAL A 247 21.99 8.63 7.98
C VAL A 247 23.26 8.47 7.16
N LYS A 248 24.30 7.92 7.80
CA LYS A 248 25.52 7.45 7.16
C LYS A 248 25.78 5.98 7.51
N LEU A 249 25.98 5.15 6.51
CA LEU A 249 26.00 3.70 6.60
C LEU A 249 27.21 3.21 5.87
N ARG A 250 27.97 2.32 6.49
CA ARG A 250 29.07 1.70 5.85
C ARG A 250 29.03 0.22 6.09
N GLY A 251 28.81 -0.52 5.03
CA GLY A 251 28.88 -1.98 5.13
C GLY A 251 30.07 -2.55 4.40
N THR A 252 30.68 -3.57 5.01
CA THR A 252 31.82 -4.27 4.49
C THR A 252 31.81 -5.80 4.80
N ASN A 253 32.72 -6.53 4.14
CA ASN A 253 33.00 -7.97 4.40
C ASN A 253 31.85 -8.94 4.06
N PHE A 254 30.85 -8.50 3.29
CA PHE A 254 29.85 -9.40 2.76
C PHE A 254 30.43 -10.24 1.68
N PRO A 255 30.38 -11.58 1.79
CA PRO A 255 30.84 -12.41 0.68
C PRO A 255 30.05 -12.08 -0.64
N PRO A 256 30.76 -12.01 -1.76
CA PRO A 256 30.09 -11.56 -3.00
C PRO A 256 28.98 -12.52 -3.50
N ASP A 257 29.10 -13.80 -3.19
CA ASP A 257 28.10 -14.82 -3.52
C ASP A 257 27.06 -15.01 -2.41
N GLY A 258 27.24 -14.34 -1.27
CA GLY A 258 26.36 -14.49 -0.12
C GLY A 258 24.98 -13.88 -0.36
N PRO A 259 24.09 -14.08 0.56
CA PRO A 259 22.70 -13.73 0.34
C PRO A 259 22.42 -12.21 0.34
N VAL A 260 23.25 -11.43 1.00
CA VAL A 260 23.02 -10.03 0.97
C VAL A 260 23.39 -9.44 -0.37
N MET A 261 24.56 -9.80 -0.88
CA MET A 261 25.01 -9.21 -2.12
C MET A 261 24.31 -9.83 -3.34
N GLN A 262 23.70 -11.00 -3.20
CA GLN A 262 22.97 -11.66 -4.27
C GLN A 262 21.45 -11.49 -4.09
N LYS A 263 21.01 -10.55 -3.25
CA LYS A 263 19.57 -10.28 -3.07
C LYS A 263 18.76 -11.58 -2.84
N LYS A 264 19.17 -12.39 -1.88
CA LYS A 264 18.42 -13.61 -1.60
C LYS A 264 17.63 -13.54 -0.30
N THR A 265 17.33 -12.34 0.15
CA THR A 265 16.65 -12.15 1.45
C THR A 265 15.19 -11.69 1.28
N MET A 266 14.36 -11.96 2.31
CA MET A 266 12.93 -11.57 2.23
C MET A 266 12.44 -11.01 3.55
N GLY A 267 13.06 -9.95 4.04
CA GLY A 267 12.58 -9.42 5.32
C GLY A 267 13.22 -10.08 6.52
N TRP A 268 13.08 -9.35 7.61
CA TRP A 268 13.54 -9.68 8.94
C TRP A 268 12.57 -10.62 9.60
N GLU A 269 13.06 -11.58 10.38
CA GLU A 269 12.21 -12.53 11.08
C GLU A 269 12.92 -12.93 12.36
N ALA A 270 12.20 -13.37 13.36
CA ALA A 270 12.86 -13.92 14.58
C ALA A 270 13.20 -15.31 14.28
N THR A 271 14.05 -15.87 15.14
CA THR A 271 14.53 -17.22 15.04
C THR A 271 13.36 -18.19 15.25
N ARG A 272 13.36 -19.29 14.52
CA ARG A 272 12.24 -20.21 14.51
C ARG A 272 12.78 -21.59 14.77
N ASP A 273 11.96 -22.49 15.28
CA ASP A 273 12.37 -23.90 15.38
C ASP A 273 11.90 -24.55 14.13
N GLN A 274 12.50 -25.69 13.82
CA GLN A 274 11.98 -26.52 12.75
C GLN A 274 10.81 -27.37 13.27
N LEU A 275 9.75 -27.44 12.48
CA LEU A 275 8.56 -28.19 12.80
C LEU A 275 8.61 -29.51 12.06
N THR A 276 8.15 -30.58 12.69
CA THR A 276 8.05 -31.87 12.02
C THR A 276 6.71 -31.95 11.25
N GLU A 277 6.57 -33.01 10.46
CA GLU A 277 5.32 -33.31 9.74
C GLU A 277 4.10 -33.50 10.64
N GLU A 278 4.32 -34.13 11.79
CA GLU A 278 3.26 -34.36 12.75
C GLU A 278 2.75 -33.05 13.31
N GLN A 279 3.70 -32.24 13.77
CA GLN A 279 3.40 -30.92 14.33
C GLN A 279 2.61 -30.05 13.36
N ILE A 280 3.03 -30.00 12.09
CA ILE A 280 2.27 -29.29 11.06
C ILE A 280 0.81 -29.80 10.98
N ALA A 281 0.63 -31.13 10.99
CA ALA A 281 -0.70 -31.78 11.08
C ALA A 281 -1.50 -31.33 12.30
N GLU A 282 -0.88 -31.41 13.48
CA GLU A 282 -1.49 -30.86 14.71
C GLU A 282 -1.90 -29.40 14.57
N PHE A 283 -1.00 -28.61 14.03
CA PHE A 283 -1.22 -27.18 14.03
C PHE A 283 -2.30 -26.87 13.01
N LYS A 284 -2.36 -27.66 11.93
CA LYS A 284 -3.47 -27.52 10.99
C LYS A 284 -4.84 -27.72 11.68
N GLU A 285 -4.92 -28.66 12.60
CA GLU A 285 -6.21 -28.93 13.31
C GLU A 285 -6.55 -27.80 14.27
N ALA A 286 -5.49 -27.25 14.86
CA ALA A 286 -5.63 -26.14 15.80
C ALA A 286 -6.11 -25.00 14.99
N PHE A 287 -5.48 -24.75 13.86
CA PHE A 287 -5.93 -23.66 12.96
C PHE A 287 -7.44 -23.76 12.59
N SER A 288 -7.87 -24.96 12.17
CA SER A 288 -9.30 -25.21 11.84
C SER A 288 -10.29 -24.75 12.91
N LEU A 289 -9.93 -24.80 14.20
CA LEU A 289 -10.84 -24.34 15.27
C LEU A 289 -11.09 -22.84 15.22
N PHE A 290 -10.09 -22.08 14.75
CA PHE A 290 -10.30 -20.63 14.51
C PHE A 290 -11.01 -20.33 13.18
N ASP A 291 -10.55 -20.98 12.12
CA ASP A 291 -11.06 -20.74 10.80
C ASP A 291 -12.32 -21.52 10.60
N LYS A 292 -13.41 -21.02 11.19
CA LYS A 292 -14.67 -21.78 11.25
C LYS A 292 -15.34 -21.87 9.89
N ASP A 293 -15.26 -20.79 9.10
CA ASP A 293 -15.75 -20.79 7.72
C ASP A 293 -14.85 -21.53 6.72
N GLY A 294 -13.70 -22.08 7.14
CA GLY A 294 -12.81 -22.81 6.23
C GLY A 294 -12.17 -22.03 5.06
N ASP A 295 -12.13 -20.70 5.12
CA ASP A 295 -11.56 -19.93 3.99
C ASP A 295 -10.03 -19.91 3.93
N GLY A 296 -9.33 -20.64 4.79
CA GLY A 296 -7.85 -20.56 4.89
C GLY A 296 -7.27 -19.37 5.69
N THR A 297 -8.13 -18.56 6.28
CA THR A 297 -7.76 -17.29 6.85
C THR A 297 -8.43 -17.19 8.21
N ILE A 298 -7.73 -16.68 9.20
CA ILE A 298 -8.32 -16.29 10.43
C ILE A 298 -8.53 -14.77 10.49
N THR A 299 -9.78 -14.36 10.78
CA THR A 299 -10.16 -12.96 10.91
C THR A 299 -10.28 -12.50 12.34
N THR A 300 -10.40 -11.19 12.53
CA THR A 300 -10.64 -10.69 13.84
C THR A 300 -11.98 -11.14 14.39
N LYS A 301 -12.96 -11.35 13.52
CA LYS A 301 -14.24 -11.89 13.93
C LYS A 301 -14.06 -13.33 14.50
N GLU A 302 -13.48 -14.20 13.70
CA GLU A 302 -13.18 -15.57 14.12
C GLU A 302 -12.32 -15.65 15.38
N LEU A 303 -11.28 -14.83 15.45
CA LEU A 303 -10.52 -14.79 16.69
C LEU A 303 -11.33 -14.21 17.87
N GLY A 304 -12.06 -13.12 17.67
CA GLY A 304 -12.94 -12.56 18.70
C GLY A 304 -13.90 -13.61 19.19
N THR A 305 -14.46 -14.39 18.29
CA THR A 305 -15.44 -15.42 18.65
C THR A 305 -14.86 -16.46 19.64
N VAL A 306 -13.67 -17.00 19.38
CA VAL A 306 -13.12 -18.03 20.22
C VAL A 306 -12.77 -17.36 21.53
N MET A 307 -12.20 -16.16 21.47
CA MET A 307 -11.76 -15.50 22.68
C MET A 307 -12.91 -15.07 23.65
N ARG A 308 -14.06 -14.72 23.11
CA ARG A 308 -15.21 -14.43 23.97
C ARG A 308 -15.82 -15.71 24.54
N SER A 309 -15.89 -16.78 23.78
CA SER A 309 -16.35 -18.06 24.35
C SER A 309 -15.48 -18.39 25.51
N LEU A 310 -14.17 -18.20 25.37
CA LEU A 310 -13.26 -18.54 26.46
C LEU A 310 -13.42 -17.59 27.60
N GLY A 311 -14.26 -16.57 27.45
CA GLY A 311 -14.56 -15.72 28.58
C GLY A 311 -13.76 -14.43 28.60
N GLN A 312 -12.64 -14.39 27.87
CA GLN A 312 -11.90 -13.12 27.61
C GLN A 312 -12.75 -12.11 26.84
N ASN A 313 -12.47 -10.84 27.04
CA ASN A 313 -13.01 -9.86 26.15
C ASN A 313 -11.93 -8.85 25.83
N PRO A 314 -11.27 -9.05 24.68
CA PRO A 314 -10.41 -8.05 24.11
C PRO A 314 -11.23 -7.12 23.22
N THR A 315 -10.73 -5.91 23.09
CA THR A 315 -11.39 -4.85 22.34
C THR A 315 -11.10 -5.06 20.86
N GLU A 316 -11.95 -4.57 19.97
CA GLU A 316 -11.66 -4.82 18.54
C GLU A 316 -10.35 -4.07 18.02
N ALA A 317 -9.89 -3.05 18.75
CA ALA A 317 -8.58 -2.42 18.42
C ALA A 317 -7.54 -3.49 18.66
N GLU A 318 -7.71 -4.19 19.79
CA GLU A 318 -6.78 -5.20 20.21
C GLU A 318 -6.76 -6.43 19.30
N LEU A 319 -7.92 -6.94 18.92
CA LEU A 319 -7.93 -8.11 18.03
C LEU A 319 -7.19 -7.79 16.77
N GLN A 320 -7.27 -6.51 16.39
CA GLN A 320 -6.69 -6.05 15.14
C GLN A 320 -5.19 -5.99 15.20
N ASP A 321 -4.71 -5.35 16.24
CA ASP A 321 -3.32 -5.42 16.58
C ASP A 321 -2.74 -6.84 16.63
N MET A 322 -3.48 -7.78 17.21
CA MET A 322 -3.02 -9.14 17.30
C MET A 322 -2.82 -9.75 15.93
N ILE A 323 -3.74 -9.53 14.99
CA ILE A 323 -3.53 -10.12 13.60
C ILE A 323 -2.44 -9.33 12.85
N ASN A 324 -2.34 -8.03 13.10
CA ASN A 324 -1.31 -7.25 12.37
C ASN A 324 0.05 -7.84 12.66
N GLU A 325 0.31 -8.19 13.92
CA GLU A 325 1.64 -8.57 14.28
C GLU A 325 2.03 -9.86 13.58
N VAL A 326 1.07 -10.76 13.30
CA VAL A 326 1.41 -12.03 12.65
C VAL A 326 1.15 -12.07 11.15
N ASP A 327 0.58 -11.02 10.58
CA ASP A 327 0.35 -10.95 9.15
C ASP A 327 1.70 -10.65 8.47
N ALA A 328 2.57 -11.65 8.42
CA ALA A 328 3.94 -11.54 7.80
C ALA A 328 4.03 -10.93 6.44
N ASP A 329 3.10 -11.23 5.52
CA ASP A 329 3.20 -10.67 4.18
C ASP A 329 2.50 -9.30 4.08
N GLY A 330 1.80 -8.92 5.13
CA GLY A 330 1.12 -7.65 5.16
C GLY A 330 -0.01 -7.54 4.15
N ASP A 331 -0.60 -8.67 3.77
CA ASP A 331 -1.70 -8.64 2.82
C ASP A 331 -3.06 -8.49 3.51
N GLY A 332 -3.05 -8.24 4.81
CA GLY A 332 -4.27 -7.94 5.51
C GLY A 332 -5.13 -9.16 5.77
N THR A 333 -4.50 -10.34 5.86
CA THR A 333 -5.13 -11.59 6.29
C THR A 333 -4.08 -12.43 7.04
N PHE A 334 -4.56 -13.27 7.93
CA PHE A 334 -3.77 -14.17 8.71
C PHE A 334 -4.00 -15.65 8.25
N ASP A 335 -3.02 -16.23 7.57
CA ASP A 335 -3.23 -17.57 6.96
C ASP A 335 -2.41 -18.63 7.66
N PHE A 336 -2.57 -19.85 7.18
CA PHE A 336 -1.95 -21.00 7.81
C PHE A 336 -0.44 -20.95 7.82
N PRO A 337 0.26 -20.63 6.70
CA PRO A 337 1.73 -20.52 6.87
C PRO A 337 2.09 -19.46 7.95
N GLU A 338 1.38 -18.35 8.01
CA GLU A 338 1.66 -17.38 9.06
C GLU A 338 1.35 -17.91 10.49
N PHE A 339 0.38 -18.82 10.59
CA PHE A 339 0.06 -19.45 11.88
C PHE A 339 1.18 -20.37 12.27
N LEU A 340 1.69 -21.13 11.31
CA LEU A 340 2.88 -21.97 11.56
C LEU A 340 4.05 -21.09 12.01
N THR A 341 4.35 -20.03 11.31
CA THR A 341 5.44 -19.12 11.81
C THR A 341 5.29 -18.74 13.26
N MET A 342 4.10 -18.32 13.65
CA MET A 342 3.84 -17.97 15.04
C MET A 342 4.12 -19.16 15.98
N MET A 343 3.65 -20.33 15.62
CA MET A 343 3.84 -21.50 16.45
C MET A 343 5.28 -22.06 16.41
N ALA A 344 6.11 -21.62 15.48
CA ALA A 344 7.48 -22.07 15.43
C ALA A 344 8.41 -21.10 16.07
N ARG A 345 7.94 -20.00 16.63
CA ARG A 345 8.91 -19.03 17.09
C ARG A 345 9.70 -19.64 18.25
N LYS A 346 11.00 -19.41 18.20
CA LYS A 346 11.96 -19.96 19.15
C LYS A 346 11.81 -19.23 20.48
N MET A 347 11.70 -20.01 21.53
CA MET A 347 11.40 -19.49 22.84
C MET A 347 12.30 -20.27 23.83
N ASN A 348 12.78 -19.59 24.86
CA ASN A 348 13.61 -20.24 25.86
C ASN A 348 12.72 -21.12 26.76
N ASP A 349 13.34 -21.84 27.70
CA ASP A 349 12.65 -22.78 28.58
C ASP A 349 11.86 -22.17 29.73
N THR A 350 12.31 -21.04 30.28
CA THR A 350 11.46 -20.32 31.22
C THR A 350 10.15 -20.06 30.50
N ASP A 351 10.27 -19.56 29.27
CA ASP A 351 9.12 -19.04 28.52
C ASP A 351 8.23 -20.15 27.96
N SER A 352 8.80 -21.24 27.47
CA SER A 352 7.98 -22.38 27.08
C SER A 352 7.16 -22.79 28.28
N GLU A 353 7.83 -23.02 29.42
CA GLU A 353 7.18 -23.49 30.61
C GLU A 353 6.08 -22.54 31.07
N GLU A 354 6.26 -21.24 30.93
CA GLU A 354 5.24 -20.29 31.42
C GLU A 354 4.00 -20.40 30.53
N GLU A 355 4.22 -20.52 29.23
CA GLU A 355 3.12 -20.64 28.32
C GLU A 355 2.33 -21.95 28.56
N ILE A 356 2.96 -23.07 28.91
CA ILE A 356 2.21 -24.27 29.28
C ILE A 356 1.37 -24.06 30.59
N ARG A 357 1.96 -23.36 31.55
CA ARG A 357 1.28 -22.99 32.81
C ARG A 357 0.07 -22.16 32.55
N GLU A 358 0.28 -21.16 31.72
CA GLU A 358 -0.78 -20.33 31.19
C GLU A 358 -1.91 -21.09 30.46
N ALA A 359 -1.57 -22.01 29.56
CA ALA A 359 -2.58 -22.87 28.92
C ALA A 359 -3.40 -23.64 29.95
N PHE A 360 -2.72 -24.17 30.97
CA PHE A 360 -3.39 -24.94 32.04
C PHE A 360 -4.45 -24.13 32.75
N ARG A 361 -4.11 -22.89 33.09
CA ARG A 361 -5.03 -21.97 33.73
C ARG A 361 -6.29 -21.69 32.95
N VAL A 362 -6.22 -21.78 31.62
CA VAL A 362 -7.41 -21.62 30.79
C VAL A 362 -8.31 -22.83 30.87
N PHE A 363 -7.75 -24.02 30.88
CA PHE A 363 -8.54 -25.20 30.98
C PHE A 363 -9.12 -25.30 32.41
N ASP A 364 -8.30 -24.87 33.38
CA ASP A 364 -8.64 -25.02 34.82
C ASP A 364 -9.46 -23.83 35.23
N LYS A 365 -10.71 -23.80 34.77
CA LYS A 365 -11.57 -22.58 34.82
C LYS A 365 -11.64 -22.00 36.22
N ASP A 366 -11.87 -22.84 37.21
CA ASP A 366 -11.96 -22.31 38.59
C ASP A 366 -10.60 -22.08 39.24
N GLY A 367 -9.50 -22.54 38.62
CA GLY A 367 -8.15 -22.28 39.18
C GLY A 367 -7.84 -23.07 40.46
N ASN A 368 -8.48 -24.20 40.68
CA ASN A 368 -8.22 -25.00 41.87
C ASN A 368 -7.14 -26.04 41.62
N GLY A 369 -6.54 -26.03 40.45
CA GLY A 369 -5.40 -26.87 40.14
C GLY A 369 -5.78 -28.21 39.61
N TYR A 370 -7.08 -28.45 39.41
CA TYR A 370 -7.53 -29.66 38.76
C TYR A 370 -8.53 -29.36 37.60
N ILE A 371 -8.31 -29.94 36.43
CA ILE A 371 -9.29 -29.89 35.34
C ILE A 371 -10.22 -31.06 35.52
N GLY A 372 -11.49 -30.78 35.78
CA GLY A 372 -12.53 -31.78 35.91
C GLY A 372 -13.23 -31.93 34.57
N ALA A 373 -14.13 -32.91 34.49
CA ALA A 373 -14.80 -33.26 33.25
C ALA A 373 -15.53 -32.09 32.69
N ALA A 374 -16.33 -31.45 33.54
CA ALA A 374 -17.14 -30.31 33.15
C ALA A 374 -16.28 -29.14 32.70
N GLU A 375 -15.21 -28.80 33.42
CA GLU A 375 -14.29 -27.75 32.95
C GLU A 375 -13.79 -28.06 31.53
N LEU A 376 -13.35 -29.30 31.31
CA LEU A 376 -12.84 -29.72 30.00
C LEU A 376 -13.90 -29.62 28.89
N ARG A 377 -15.06 -30.21 29.10
CA ARG A 377 -16.13 -30.13 28.11
C ARG A 377 -16.38 -28.68 27.70
N HIS A 378 -16.48 -27.80 28.68
CA HIS A 378 -16.74 -26.40 28.38
C HIS A 378 -15.65 -25.75 27.60
N VAL A 379 -14.39 -25.98 27.94
CA VAL A 379 -13.32 -25.40 27.15
C VAL A 379 -13.29 -25.93 25.72
N MET A 380 -13.52 -27.23 25.50
CA MET A 380 -13.59 -27.75 24.14
C MET A 380 -14.73 -27.13 23.30
N THR A 381 -15.87 -26.98 23.94
CA THR A 381 -17.04 -26.40 23.31
C THR A 381 -16.67 -24.98 22.99
N ASP A 382 -16.14 -24.26 23.97
CA ASP A 382 -15.70 -22.90 23.70
C ASP A 382 -14.78 -22.82 22.48
N LEU A 383 -13.92 -23.82 22.28
CA LEU A 383 -12.98 -23.77 21.14
C LEU A 383 -13.66 -24.13 19.85
N GLY A 384 -14.81 -24.78 19.92
CA GLY A 384 -15.55 -25.16 18.76
C GLY A 384 -15.46 -26.63 18.43
N GLU A 385 -14.93 -27.46 19.33
CA GLU A 385 -14.90 -28.91 19.15
C GLU A 385 -16.10 -29.33 19.91
N LYS A 386 -17.13 -29.79 19.21
CA LYS A 386 -18.33 -30.27 19.87
C LYS A 386 -17.99 -31.73 20.25
N LEU A 387 -18.14 -32.11 21.50
CA LEU A 387 -17.75 -33.48 21.92
C LEU A 387 -18.87 -34.26 22.61
N THR A 388 -18.85 -35.58 22.45
CA THR A 388 -19.80 -36.44 23.19
C THR A 388 -19.31 -36.72 24.64
N ASP A 389 -20.26 -37.05 25.52
CA ASP A 389 -19.90 -37.29 26.92
C ASP A 389 -18.79 -38.32 27.03
N GLU A 390 -18.88 -39.34 26.21
CA GLU A 390 -17.95 -40.45 26.25
C GLU A 390 -16.54 -40.04 25.74
N GLU A 391 -16.50 -39.20 24.72
CA GLU A 391 -15.22 -38.65 24.27
C GLU A 391 -14.54 -37.81 25.34
N VAL A 392 -15.32 -37.01 26.07
CA VAL A 392 -14.77 -36.25 27.19
C VAL A 392 -14.19 -37.21 28.24
N ASP A 393 -14.92 -38.29 28.52
CA ASP A 393 -14.46 -39.32 29.45
C ASP A 393 -13.18 -39.96 29.03
N GLU A 394 -13.05 -40.30 27.76
CA GLU A 394 -11.80 -40.89 27.26
C GLU A 394 -10.62 -39.88 27.34
N MET A 395 -10.91 -38.62 27.06
CA MET A 395 -9.89 -37.54 27.23
C MET A 395 -9.42 -37.48 28.68
N ILE A 396 -10.34 -37.41 29.63
CA ILE A 396 -9.94 -37.44 31.06
C ILE A 396 -9.19 -38.74 31.34
N ARG A 397 -9.79 -39.86 30.98
CA ARG A 397 -9.19 -41.17 31.19
C ARG A 397 -7.76 -41.22 30.68
N VAL A 398 -7.50 -40.72 29.47
CA VAL A 398 -6.11 -40.82 28.99
C VAL A 398 -5.17 -39.94 29.70
N ALA A 399 -5.60 -38.75 30.18
CA ALA A 399 -4.67 -37.84 30.91
C ALA A 399 -4.53 -38.22 32.41
N ASP A 400 -5.55 -38.80 33.00
CA ASP A 400 -5.55 -39.07 34.45
C ASP A 400 -4.60 -40.21 34.87
N ILE A 401 -3.33 -39.90 35.10
CA ILE A 401 -2.34 -40.89 35.54
C ILE A 401 -2.82 -41.49 36.87
N ASP A 402 -3.00 -40.65 37.89
CA ASP A 402 -3.39 -41.15 39.22
C ASP A 402 -4.83 -41.59 39.44
N GLY A 403 -5.72 -41.52 38.45
CA GLY A 403 -7.07 -42.08 38.60
C GLY A 403 -8.10 -41.39 39.52
N ASP A 404 -7.86 -40.13 39.92
CA ASP A 404 -8.87 -39.33 40.68
C ASP A 404 -9.97 -38.67 39.83
N GLY A 405 -10.04 -39.00 38.54
CA GLY A 405 -11.06 -38.40 37.65
C GLY A 405 -10.87 -36.93 37.26
N GLN A 406 -9.67 -36.38 37.49
CA GLN A 406 -9.34 -35.01 37.05
C GLN A 406 -7.94 -34.96 36.55
N VAL A 407 -7.63 -33.87 35.85
CA VAL A 407 -6.28 -33.68 35.34
C VAL A 407 -5.55 -32.57 36.07
N ASN A 408 -4.50 -32.91 36.79
CA ASN A 408 -3.67 -31.88 37.48
C ASN A 408 -2.56 -31.38 36.54
N TYR A 409 -1.79 -30.39 36.97
CA TYR A 409 -0.82 -29.75 36.08
C TYR A 409 0.21 -30.72 35.48
N GLU A 410 0.68 -31.63 36.32
CA GLU A 410 1.71 -32.57 35.92
C GLU A 410 1.17 -33.49 34.87
N GLU A 411 -0.06 -33.95 35.02
CA GLU A 411 -0.74 -34.76 34.03
C GLU A 411 -1.06 -34.02 32.71
N PHE A 412 -1.37 -32.72 32.82
CA PHE A 412 -1.56 -31.87 31.67
C PHE A 412 -0.23 -31.77 30.84
N VAL A 413 0.87 -31.44 31.49
CA VAL A 413 2.22 -31.34 30.92
C VAL A 413 2.57 -32.59 30.08
N GLN A 414 2.39 -33.74 30.73
CA GLN A 414 2.50 -35.08 30.10
C GLN A 414 1.70 -35.20 28.83
N MET A 415 0.59 -34.50 28.75
CA MET A 415 -0.23 -34.52 27.56
C MET A 415 0.37 -33.67 26.43
N MET A 416 0.98 -32.54 26.78
CA MET A 416 1.29 -31.45 25.82
C MET A 416 2.75 -31.39 25.35
N ARG B 11 6.53 36.05 -19.40
CA ARG B 11 5.07 35.87 -19.06
C ARG B 11 4.21 35.55 -20.27
N LYS B 12 4.42 36.27 -21.35
CA LYS B 12 3.95 35.83 -22.63
C LYS B 12 4.52 34.43 -22.95
N TRP B 13 5.78 34.15 -22.56
CA TRP B 13 6.31 32.76 -22.68
C TRP B 13 5.49 31.78 -21.89
N ASN B 14 5.30 32.03 -20.60
CA ASN B 14 4.40 31.24 -19.78
C ASN B 14 2.99 30.99 -20.29
N LYS B 15 2.30 32.04 -20.71
CA LYS B 15 0.97 31.94 -21.22
C LYS B 15 0.89 30.96 -22.40
N ALA B 16 1.86 31.08 -23.30
CA ALA B 16 1.83 30.27 -24.50
C ALA B 16 2.30 28.90 -24.11
N GLY B 17 3.18 28.87 -23.09
CA GLY B 17 3.69 27.66 -22.46
C GLY B 17 2.54 26.87 -21.85
N HIS B 18 1.70 27.54 -21.09
CA HIS B 18 0.53 26.87 -20.47
C HIS B 18 -0.38 26.22 -21.50
N ALA B 19 -0.70 26.96 -22.59
CA ALA B 19 -1.58 26.42 -23.67
C ALA B 19 -0.97 25.18 -24.33
N VAL B 20 0.31 25.24 -24.68
CA VAL B 20 0.96 24.14 -25.34
C VAL B 20 1.06 22.90 -24.43
N ARG B 21 1.51 23.09 -23.21
CA ARG B 21 1.50 22.00 -22.23
C ARG B 21 0.07 21.49 -21.98
N ALA B 22 -0.93 22.39 -21.99
CA ALA B 22 -2.32 21.95 -21.76
C ALA B 22 -2.68 20.93 -22.81
N ILE B 23 -2.27 21.19 -24.06
CA ILE B 23 -2.54 20.24 -25.17
C ILE B 23 -1.82 18.97 -24.86
N GLY B 24 -0.59 19.11 -24.34
CA GLY B 24 0.23 17.93 -23.99
C GLY B 24 -0.45 17.07 -22.92
N ARG B 25 -0.99 17.70 -21.91
CA ARG B 25 -1.66 16.95 -20.85
C ARG B 25 -2.98 16.32 -21.37
N LEU B 26 -3.72 17.06 -22.18
CA LEU B 26 -4.95 16.51 -22.70
C LEU B 26 -4.61 15.29 -23.51
N SER B 27 -3.54 15.36 -24.31
CA SER B 27 -3.15 14.22 -25.21
C SER B 27 -2.53 13.09 -24.46
N SER B 28 -2.16 13.31 -23.21
CA SER B 28 -1.46 12.28 -22.48
C SER B 28 -1.95 12.34 -21.02
N PRO B 29 -3.16 11.80 -20.79
CA PRO B 29 -3.73 11.81 -19.44
C PRO B 29 -2.91 10.98 -18.47
N VAL B 30 -3.11 11.23 -17.18
CA VAL B 30 -2.33 10.51 -16.20
C VAL B 30 -2.67 9.03 -16.40
N VAL B 31 -1.68 8.19 -16.21
CA VAL B 31 -1.84 6.78 -16.47
C VAL B 31 -2.66 6.24 -15.31
N SER B 32 -3.72 5.50 -15.61
CA SER B 32 -4.55 4.99 -14.54
C SER B 32 -3.98 3.70 -13.98
N GLU B 33 -3.85 2.68 -14.82
CA GLU B 33 -3.41 1.34 -14.43
C GLU B 33 -2.18 0.93 -15.26
N ARG B 34 -1.05 0.64 -14.62
CA ARG B 34 0.12 0.26 -15.42
C ARG B 34 0.19 -1.25 -15.46
N MET B 35 0.10 -1.81 -16.68
CA MET B 35 0.16 -3.27 -16.92
C MET B 35 1.61 -3.63 -17.26
N TYR B 36 2.01 -4.80 -16.77
CA TYR B 36 3.28 -5.36 -17.05
C TYR B 36 3.14 -6.85 -16.74
N PRO B 37 3.82 -7.70 -17.53
CA PRO B 37 3.89 -9.13 -17.25
C PRO B 37 4.99 -9.41 -16.22
N GLU B 38 4.78 -10.46 -15.43
CA GLU B 38 5.77 -10.88 -14.46
C GLU B 38 5.32 -12.20 -13.88
N ASP B 39 6.27 -13.10 -13.66
CA ASP B 39 5.95 -14.41 -13.09
C ASP B 39 4.82 -15.13 -13.85
N GLY B 40 4.74 -14.94 -15.16
CA GLY B 40 3.69 -15.56 -15.99
C GLY B 40 2.26 -15.12 -15.68
N ALA B 41 2.11 -13.96 -15.06
CA ALA B 41 0.78 -13.36 -14.83
C ALA B 41 0.85 -11.94 -15.37
N LEU B 42 -0.31 -11.31 -15.50
CA LEU B 42 -0.30 -9.89 -15.85
C LEU B 42 -0.49 -9.15 -14.52
N LYS B 43 0.46 -8.30 -14.19
CA LYS B 43 0.39 -7.56 -12.94
C LYS B 43 0.05 -6.13 -13.31
N SER B 44 -0.45 -5.37 -12.33
CA SER B 44 -0.67 -3.93 -12.50
C SER B 44 -0.42 -3.12 -11.28
N GLU B 45 -0.16 -1.85 -11.55
CA GLU B 45 -0.03 -0.86 -10.52
C GLU B 45 -1.00 0.29 -10.76
N ILE B 46 -1.75 0.66 -9.72
CA ILE B 46 -2.56 1.85 -9.76
C ILE B 46 -2.05 2.72 -8.65
N LYS B 47 -1.69 3.94 -9.00
CA LYS B 47 -1.07 4.91 -8.10
C LYS B 47 -1.94 6.13 -7.80
N LYS B 48 -3.03 6.32 -8.50
CA LYS B 48 -3.86 7.46 -8.19
C LYS B 48 -4.24 7.36 -6.71
N GLY B 49 -4.82 8.40 -6.15
CA GLY B 49 -5.47 8.20 -4.92
C GLY B 49 -6.81 8.78 -4.95
N LEU B 50 -7.26 9.16 -3.77
CA LEU B 50 -8.58 9.62 -3.53
C LEU B 50 -8.52 11.09 -3.21
N ARG B 51 -9.50 11.82 -3.72
CA ARG B 51 -9.59 13.24 -3.50
C ARG B 51 -10.35 13.47 -2.22
N LEU B 52 -9.90 14.41 -1.38
CA LEU B 52 -10.63 14.70 -0.14
C LEU B 52 -11.53 15.94 -0.27
N LYS B 53 -12.73 15.86 0.32
CA LYS B 53 -13.70 16.96 0.47
C LYS B 53 -13.15 18.20 1.20
N ASP B 54 -11.84 18.39 1.16
CA ASP B 54 -11.23 19.63 1.56
C ASP B 54 -10.16 19.98 0.54
N GLY B 55 -10.18 19.33 -0.62
CA GLY B 55 -9.13 19.51 -1.64
C GLY B 55 -7.77 18.85 -1.34
N GLY B 56 -7.73 18.08 -0.26
CA GLY B 56 -6.55 17.28 0.03
C GLY B 56 -6.45 16.10 -0.92
N HIS B 57 -5.48 15.24 -0.63
CA HIS B 57 -5.35 13.96 -1.31
C HIS B 57 -5.10 12.90 -0.24
N TYR B 58 -5.52 11.67 -0.49
CA TYR B 58 -5.40 10.54 0.41
C TYR B 58 -4.78 9.46 -0.46
N ALA B 59 -3.49 9.18 -0.28
CA ALA B 59 -2.72 8.39 -1.23
C ALA B 59 -2.96 6.90 -1.10
N ALA B 60 -2.88 6.22 -2.23
CA ALA B 60 -3.09 4.82 -2.26
C ALA B 60 -2.13 4.24 -3.22
N GLU B 61 -1.82 2.98 -2.99
CA GLU B 61 -0.99 2.14 -3.86
C GLU B 61 -1.75 0.79 -3.98
N VAL B 62 -2.12 0.43 -5.22
CA VAL B 62 -2.87 -0.76 -5.52
C VAL B 62 -2.16 -1.68 -6.53
N LYS B 63 -1.95 -2.91 -6.11
CA LYS B 63 -1.18 -3.90 -6.85
C LYS B 63 -2.14 -4.99 -7.12
N THR B 64 -2.22 -5.37 -8.38
CA THR B 64 -3.15 -6.38 -8.80
C THR B 64 -2.44 -7.43 -9.65
N THR B 65 -2.78 -8.70 -9.44
CA THR B 65 -2.30 -9.80 -10.31
C THR B 65 -3.52 -10.44 -11.00
N TYR B 66 -3.49 -10.40 -12.31
CA TYR B 66 -4.52 -10.98 -13.13
C TYR B 66 -3.95 -12.27 -13.72
N LYS B 67 -4.68 -13.36 -13.55
CA LYS B 67 -4.22 -14.68 -13.99
C LYS B 67 -5.36 -15.36 -14.78
N ALA B 68 -5.16 -15.62 -16.07
CA ALA B 68 -6.11 -16.38 -16.89
C ALA B 68 -6.21 -17.84 -16.37
N LYS B 69 -7.43 -18.41 -16.40
CA LYS B 69 -7.64 -19.81 -15.94
C LYS B 69 -6.94 -20.82 -16.85
N LYS B 70 -6.74 -20.48 -18.11
CA LYS B 70 -5.99 -21.28 -19.04
C LYS B 70 -4.87 -20.37 -19.51
N PRO B 71 -3.84 -20.96 -20.16
CA PRO B 71 -2.70 -20.17 -20.61
C PRO B 71 -3.05 -19.27 -21.80
N VAL B 72 -2.52 -18.06 -21.82
CA VAL B 72 -2.85 -17.12 -22.86
C VAL B 72 -1.66 -16.25 -23.09
N GLN B 73 -1.48 -15.78 -24.32
CA GLN B 73 -0.39 -14.86 -24.61
C GLN B 73 -0.49 -13.70 -23.61
N LEU B 74 0.65 -13.39 -22.99
CA LEU B 74 0.82 -12.20 -22.18
C LEU B 74 1.33 -11.10 -23.11
N PRO B 75 0.97 -9.82 -22.84
CA PRO B 75 1.47 -8.71 -23.65
C PRO B 75 2.69 -8.04 -23.01
N GLY B 76 3.24 -7.06 -23.70
CA GLY B 76 4.31 -6.28 -23.12
C GLY B 76 3.72 -5.31 -22.10
N ALA B 77 4.62 -4.59 -21.42
CA ALA B 77 4.26 -3.43 -20.66
C ALA B 77 3.30 -2.59 -21.51
N TYR B 78 2.15 -2.22 -20.92
CA TYR B 78 1.34 -1.13 -21.47
C TYR B 78 0.55 -0.39 -20.35
N ILE B 79 -0.22 0.61 -20.73
CA ILE B 79 -1.00 1.45 -19.81
C ILE B 79 -2.47 1.45 -20.19
N VAL B 80 -3.33 1.50 -19.18
CA VAL B 80 -4.77 1.67 -19.35
C VAL B 80 -5.24 2.99 -18.74
N ASP B 81 -5.96 3.78 -19.54
CA ASP B 81 -6.66 4.97 -19.04
C ASP B 81 -8.10 4.62 -18.75
N ILE B 82 -8.49 4.90 -17.52
CA ILE B 82 -9.80 4.51 -16.99
C ILE B 82 -10.40 5.76 -16.38
N LYS B 83 -11.61 6.16 -16.82
CA LYS B 83 -12.38 7.15 -16.13
C LYS B 83 -13.70 6.59 -15.68
N LEU B 84 -13.96 6.75 -14.40
CA LEU B 84 -15.03 6.05 -13.74
C LEU B 84 -15.83 7.11 -13.04
N ASP B 85 -17.10 7.25 -13.36
CA ASP B 85 -17.94 8.25 -12.72
C ASP B 85 -19.06 7.57 -11.95
N ILE B 86 -19.40 8.11 -10.81
CA ILE B 86 -20.61 7.73 -10.13
C ILE B 86 -21.67 8.56 -10.81
N VAL B 87 -22.62 7.94 -11.52
CA VAL B 87 -23.64 8.68 -12.24
C VAL B 87 -24.82 9.05 -11.31
N SER B 88 -25.18 8.12 -10.44
CA SER B 88 -26.19 8.44 -9.44
C SER B 88 -26.11 7.50 -8.25
N HIS B 89 -26.77 7.90 -7.18
CA HIS B 89 -26.90 7.07 -6.00
C HIS B 89 -27.98 7.56 -5.10
N ASN B 90 -28.60 6.64 -4.36
CA ASN B 90 -29.55 7.06 -3.32
C ASN B 90 -28.79 7.69 -2.15
N GLU B 91 -29.51 8.20 -1.18
CA GLU B 91 -28.89 9.02 -0.15
C GLU B 91 -27.76 8.37 0.63
N ASP B 92 -28.01 7.17 1.12
CA ASP B 92 -27.04 6.44 1.91
C ASP B 92 -26.19 5.44 1.11
N TYR B 93 -26.16 5.60 -0.21
CA TYR B 93 -25.34 4.76 -1.09
C TYR B 93 -25.62 3.29 -1.03
N THR B 94 -26.88 2.89 -0.85
CA THR B 94 -27.26 1.48 -0.97
C THR B 94 -27.64 1.04 -2.36
N ILE B 95 -27.87 2.01 -3.24
CA ILE B 95 -28.08 1.78 -4.66
C ILE B 95 -27.17 2.79 -5.35
N VAL B 96 -26.19 2.31 -6.12
CA VAL B 96 -25.29 3.21 -6.85
C VAL B 96 -25.19 2.85 -8.31
N GLU B 97 -25.21 3.86 -9.17
CA GLU B 97 -24.90 3.67 -10.58
C GLU B 97 -23.53 4.23 -10.96
N GLN B 98 -22.69 3.43 -11.61
CA GLN B 98 -21.41 3.93 -12.06
C GLN B 98 -21.15 3.57 -13.47
N CYS B 99 -20.33 4.39 -14.12
CA CYS B 99 -19.92 4.05 -15.46
C CYS B 99 -18.46 4.30 -15.63
N GLU B 100 -17.90 3.79 -16.71
CA GLU B 100 -16.49 3.77 -16.94
C GLU B 100 -16.10 3.70 -18.42
N ARG B 101 -15.05 4.40 -18.80
CA ARG B 101 -14.49 4.26 -20.12
C ARG B 101 -13.03 3.91 -19.99
N ALA B 102 -12.57 2.88 -20.70
CA ALA B 102 -11.18 2.42 -20.58
C ALA B 102 -10.57 2.00 -21.90
N GLU B 103 -9.30 2.30 -22.01
CA GLU B 103 -8.56 2.16 -23.21
C GLU B 103 -7.12 1.78 -22.91
N GLY B 104 -6.62 0.69 -23.47
CA GLY B 104 -5.20 0.38 -23.38
C GLY B 104 -4.42 1.22 -24.38
N ARG B 105 -3.15 1.53 -24.06
CA ARG B 105 -2.19 2.22 -25.02
C ARG B 105 -0.77 1.82 -24.71
N HIS B 106 0.17 2.09 -25.60
CA HIS B 106 1.62 2.00 -25.26
C HIS B 106 2.10 3.14 -24.40
N SER B 107 3.13 2.89 -23.60
CA SER B 107 3.51 3.81 -22.54
C SER B 107 3.77 5.24 -23.02
N ALA B 133 -15.15 -12.92 -31.02
CA ALA B 133 -16.11 -13.96 -31.43
C ALA B 133 -17.20 -14.24 -30.35
N ILE B 134 -16.89 -15.08 -29.35
CA ILE B 134 -17.75 -15.29 -28.15
C ILE B 134 -17.91 -14.04 -27.26
N ILE B 135 -17.03 -13.05 -27.43
CA ILE B 135 -17.22 -11.74 -26.78
C ILE B 135 -17.87 -10.76 -27.78
N LYS B 136 -19.13 -10.44 -27.59
CA LYS B 136 -19.88 -9.65 -28.57
C LYS B 136 -19.74 -8.15 -28.37
N GLU B 137 -20.30 -7.38 -29.30
CA GLU B 137 -20.19 -5.90 -29.24
C GLU B 137 -20.90 -5.32 -28.00
N PHE B 138 -22.01 -5.94 -27.60
CA PHE B 138 -22.73 -5.62 -26.37
C PHE B 138 -22.75 -6.82 -25.46
N MET B 139 -22.31 -6.67 -24.20
CA MET B 139 -22.29 -7.78 -23.25
C MET B 139 -22.76 -7.31 -21.90
N ARG B 140 -23.53 -8.15 -21.25
CA ARG B 140 -23.99 -7.85 -19.91
C ARG B 140 -23.11 -8.54 -18.91
N PHE B 141 -23.32 -8.15 -17.66
CA PHE B 141 -22.61 -8.77 -16.58
C PHE B 141 -23.40 -8.76 -15.32
N LYS B 142 -23.11 -9.78 -14.50
CA LYS B 142 -23.72 -9.89 -13.20
C LYS B 142 -22.58 -9.93 -12.22
N VAL B 143 -22.75 -9.32 -11.04
CA VAL B 143 -21.68 -9.32 -10.09
C VAL B 143 -22.16 -9.50 -8.68
N HIS B 144 -21.36 -10.19 -7.89
CA HIS B 144 -21.70 -10.44 -6.52
C HIS B 144 -20.46 -10.18 -5.73
N MET B 145 -20.58 -9.41 -4.64
CA MET B 145 -19.48 -9.12 -3.76
C MET B 145 -19.91 -9.49 -2.36
N GLU B 146 -19.06 -10.24 -1.66
CA GLU B 146 -19.21 -10.33 -0.21
C GLU B 146 -17.93 -9.76 0.43
N GLY B 147 -18.09 -9.05 1.52
CA GLY B 147 -16.93 -8.51 2.11
C GLY B 147 -17.09 -7.96 3.47
N SER B 148 -16.01 -7.33 3.90
CA SER B 148 -15.97 -6.74 5.19
C SER B 148 -14.85 -5.74 5.24
N VAL B 149 -15.09 -4.72 6.05
CA VAL B 149 -14.24 -3.58 6.18
C VAL B 149 -14.29 -3.07 7.64
N ASN B 150 -13.12 -3.06 8.31
CA ASN B 150 -13.04 -2.76 9.73
C ASN B 150 -14.03 -3.62 10.60
N GLY B 151 -14.20 -4.85 10.20
CA GLY B 151 -15.15 -5.74 10.84
C GLY B 151 -16.59 -5.66 10.36
N HIS B 152 -16.96 -4.63 9.58
CA HIS B 152 -18.34 -4.52 9.06
C HIS B 152 -18.57 -5.38 7.82
N GLU B 153 -19.50 -6.32 7.92
CA GLU B 153 -19.75 -7.31 6.87
C GLU B 153 -20.91 -6.87 6.00
N PHE B 154 -20.88 -7.20 4.71
CA PHE B 154 -21.91 -6.71 3.77
C PHE B 154 -21.87 -7.55 2.52
N GLU B 155 -22.95 -7.45 1.73
CA GLU B 155 -22.97 -8.02 0.42
C GLU B 155 -23.50 -7.03 -0.62
N ILE B 156 -23.12 -7.25 -1.87
CA ILE B 156 -23.61 -6.39 -2.94
C ILE B 156 -23.91 -7.22 -4.17
N GLU B 157 -25.07 -6.98 -4.77
CA GLU B 157 -25.35 -7.57 -6.10
C GLU B 157 -25.50 -6.47 -7.14
N GLY B 158 -25.23 -6.77 -8.38
CA GLY B 158 -25.34 -5.73 -9.39
C GLY B 158 -25.36 -6.27 -10.79
N GLU B 159 -25.82 -5.44 -11.72
CA GLU B 159 -25.83 -5.78 -13.15
C GLU B 159 -25.28 -4.59 -13.93
N GLY B 160 -24.75 -4.89 -15.10
CA GLY B 160 -24.22 -3.88 -15.97
C GLY B 160 -24.15 -4.38 -17.37
N GLU B 161 -23.66 -3.51 -18.24
CA GLU B 161 -23.72 -3.76 -19.67
C GLU B 161 -22.74 -2.79 -20.27
N GLY B 162 -22.31 -3.06 -21.49
CA GLY B 162 -21.50 -2.13 -22.21
C GLY B 162 -20.99 -2.73 -23.47
N ARG B 163 -19.97 -2.08 -24.02
CA ARG B 163 -19.35 -2.39 -25.28
C ARG B 163 -17.89 -2.68 -25.06
N PRO B 164 -17.55 -3.96 -25.07
CA PRO B 164 -16.21 -4.31 -24.64
C PRO B 164 -15.08 -3.78 -25.54
N TYR B 165 -15.41 -3.45 -26.80
CA TYR B 165 -14.39 -2.99 -27.81
C TYR B 165 -14.32 -1.49 -27.97
N GLU B 166 -15.50 -0.89 -28.01
CA GLU B 166 -15.70 0.56 -28.01
C GLU B 166 -15.05 1.16 -26.79
N ALA B 167 -15.44 0.62 -25.64
CA ALA B 167 -14.83 0.87 -24.40
C ALA B 167 -15.79 1.59 -23.48
N PHE B 168 -16.95 0.99 -23.20
CA PHE B 168 -17.89 1.61 -22.26
C PHE B 168 -18.64 0.60 -21.42
N GLN B 169 -18.78 0.90 -20.15
CA GLN B 169 -19.65 0.08 -19.34
C GLN B 169 -20.31 0.93 -18.34
N THR B 170 -21.39 0.35 -17.81
CA THR B 170 -22.20 0.97 -16.81
C THR B 170 -22.80 -0.13 -15.96
N ALA B 171 -23.00 0.16 -14.69
CA ALA B 171 -23.45 -0.87 -13.72
C ALA B 171 -24.34 -0.23 -12.69
N LYS B 172 -25.31 -1.01 -12.22
CA LYS B 172 -26.12 -0.61 -11.04
C LYS B 172 -25.83 -1.67 -9.97
N LEU B 173 -25.51 -1.20 -8.77
CA LEU B 173 -25.02 -2.05 -7.68
C LEU B 173 -25.94 -1.76 -6.52
N LYS B 174 -26.40 -2.81 -5.84
CA LYS B 174 -27.23 -2.70 -4.65
C LYS B 174 -26.61 -3.44 -3.47
N VAL B 175 -26.65 -2.78 -2.33
CA VAL B 175 -26.19 -3.31 -1.07
C VAL B 175 -27.35 -4.15 -0.49
N THR B 176 -27.26 -5.47 -0.65
CA THR B 176 -28.29 -6.44 -0.22
C THR B 176 -28.19 -6.81 1.27
N LYS B 177 -26.99 -6.66 1.87
CA LYS B 177 -26.76 -6.98 3.28
C LYS B 177 -25.75 -6.01 3.92
N GLY B 178 -26.01 -5.54 5.12
CA GLY B 178 -25.06 -4.73 5.88
C GLY B 178 -25.14 -3.23 5.63
N GLY B 179 -26.16 -2.81 4.88
CA GLY B 179 -26.30 -1.41 4.52
C GLY B 179 -27.05 -0.73 5.63
N PRO B 180 -26.87 0.59 5.78
CA PRO B 180 -25.95 1.40 4.96
C PRO B 180 -24.48 1.20 5.34
N LEU B 181 -23.64 1.14 4.30
CA LEU B 181 -22.18 0.98 4.50
C LEU B 181 -21.57 2.11 5.33
N PRO B 182 -20.87 1.78 6.42
CA PRO B 182 -20.37 2.91 7.20
C PRO B 182 -19.01 3.44 6.68
N PHE B 183 -18.69 3.21 5.40
CA PHE B 183 -17.44 3.71 4.77
C PHE B 183 -17.65 4.26 3.33
N ALA B 184 -16.65 4.99 2.82
CA ALA B 184 -16.70 5.58 1.47
C ALA B 184 -16.91 4.50 0.42
N TRP B 185 -17.85 4.74 -0.49
CA TRP B 185 -18.06 3.93 -1.68
C TRP B 185 -16.83 3.85 -2.59
N ASP B 186 -15.99 4.86 -2.55
CA ASP B 186 -14.85 4.85 -3.48
C ASP B 186 -13.93 3.64 -3.31
N ILE B 187 -13.83 3.07 -2.10
CA ILE B 187 -12.98 1.88 -1.93
C ILE B 187 -13.54 0.65 -2.64
N LEU B 188 -14.84 0.66 -2.89
CA LEU B 188 -15.50 -0.43 -3.61
C LEU B 188 -15.59 -0.24 -5.13
N SER B 189 -15.56 1.01 -5.63
CA SER B 189 -15.89 1.23 -7.04
C SER B 189 -14.98 0.53 -8.02
N PRO B 190 -13.64 0.57 -7.77
CA PRO B 190 -12.80 -0.17 -8.66
C PRO B 190 -12.83 -1.68 -8.47
N GLN B 191 -13.61 -2.21 -7.53
CA GLN B 191 -13.68 -3.70 -7.46
C GLN B 191 -14.71 -4.27 -8.45
N PHE B 192 -15.73 -3.47 -8.80
CA PHE B 192 -16.80 -3.89 -9.74
C PHE B 192 -16.38 -3.62 -11.16
N SER B 194 -13.65 -4.68 -14.10
CA SER B 194 -14.45 -5.35 -15.22
C SER B 194 -13.58 -5.24 -16.48
N LYS B 195 -12.61 -6.14 -16.52
CA LYS B 195 -11.44 -5.94 -17.35
C LYS B 195 -11.73 -6.32 -18.78
N ALA B 196 -12.85 -7.02 -19.04
CA ALA B 196 -13.24 -7.30 -20.44
C ALA B 196 -13.55 -6.04 -21.29
N TYR B 197 -13.94 -4.96 -20.62
CA TYR B 197 -14.33 -3.72 -21.28
C TYR B 197 -13.17 -2.73 -21.26
N ILE B 198 -12.04 -3.17 -21.74
CA ILE B 198 -10.96 -2.30 -21.99
C ILE B 198 -10.73 -2.41 -23.48
N LYS B 199 -10.82 -1.30 -24.17
CA LYS B 199 -10.38 -1.22 -25.54
C LYS B 199 -8.85 -1.42 -25.67
N HIS B 200 -8.46 -2.47 -26.39
CA HIS B 200 -7.06 -2.68 -26.76
C HIS B 200 -6.86 -2.34 -28.23
N PRO B 201 -5.65 -1.92 -28.63
CA PRO B 201 -5.32 -1.80 -30.07
C PRO B 201 -4.76 -3.14 -30.59
N ALA B 202 -4.84 -3.37 -31.91
CA ALA B 202 -4.51 -4.71 -32.51
C ALA B 202 -3.16 -5.31 -32.03
N ASP B 203 -2.17 -4.44 -31.88
CA ASP B 203 -0.78 -4.80 -31.51
C ASP B 203 -0.52 -4.97 -30.01
N ILE B 204 -1.56 -4.91 -29.18
CA ILE B 204 -1.38 -5.28 -27.78
C ILE B 204 -2.33 -6.44 -27.52
N PRO B 205 -1.78 -7.62 -27.28
CA PRO B 205 -2.68 -8.71 -26.93
C PRO B 205 -3.68 -8.31 -25.84
N ASP B 206 -4.92 -8.78 -25.98
CA ASP B 206 -5.92 -8.57 -24.96
C ASP B 206 -6.08 -9.80 -24.06
N TYR B 207 -5.27 -9.82 -23.01
CA TYR B 207 -5.18 -10.94 -22.06
C TYR B 207 -6.51 -11.30 -21.44
N PHE B 208 -7.27 -10.29 -21.09
CA PHE B 208 -8.63 -10.49 -20.54
C PHE B 208 -9.59 -11.11 -21.53
N LYS B 209 -9.67 -10.58 -22.75
CA LYS B 209 -10.63 -11.07 -23.74
C LYS B 209 -10.22 -12.51 -24.15
N LEU B 210 -8.95 -12.66 -24.53
CA LEU B 210 -8.39 -13.97 -24.92
C LEU B 210 -8.70 -15.07 -23.92
N SER B 211 -8.73 -14.71 -22.63
CA SER B 211 -8.91 -15.66 -21.53
C SER B 211 -10.24 -16.40 -21.51
N PHE B 212 -11.19 -16.00 -22.33
CA PHE B 212 -12.56 -16.54 -22.25
C PHE B 212 -12.76 -17.68 -23.27
N PRO B 213 -13.81 -18.51 -23.08
CA PRO B 213 -14.93 -18.56 -22.09
C PRO B 213 -14.59 -18.85 -20.61
N GLU B 214 -13.48 -19.52 -20.36
CA GLU B 214 -13.12 -19.99 -18.98
C GLU B 214 -12.90 -18.79 -18.04
N GLY B 215 -12.10 -17.85 -18.53
CA GLY B 215 -12.04 -16.53 -17.94
C GLY B 215 -10.76 -16.26 -17.20
N PHE B 216 -10.84 -15.54 -16.09
CA PHE B 216 -9.62 -15.19 -15.35
C PHE B 216 -9.93 -14.85 -13.93
N ARG B 217 -8.87 -14.80 -13.13
CA ARG B 217 -8.96 -14.39 -11.75
C ARG B 217 -8.08 -13.18 -11.52
N TRP B 218 -8.36 -12.45 -10.44
CA TRP B 218 -7.40 -11.48 -9.94
C TRP B 218 -7.41 -11.35 -8.47
N GLU B 219 -6.25 -10.99 -7.95
CA GLU B 219 -6.08 -10.70 -6.55
C GLU B 219 -5.43 -9.33 -6.45
N ARG B 220 -5.89 -8.54 -5.50
CA ARG B 220 -5.47 -7.13 -5.41
C ARG B 220 -5.24 -6.72 -3.95
N VAL B 221 -4.14 -6.04 -3.70
CA VAL B 221 -3.87 -5.48 -2.37
C VAL B 221 -3.81 -3.94 -2.56
N MET B 222 -4.48 -3.23 -1.66
CA MET B 222 -4.51 -1.78 -1.70
C MET B 222 -4.07 -1.31 -0.35
N ASN B 223 -3.11 -0.41 -0.34
CA ASN B 223 -2.51 0.19 0.82
C ASN B 223 -2.66 1.70 0.76
N PHE B 224 -3.19 2.24 1.83
CA PHE B 224 -3.44 3.66 1.91
C PHE B 224 -2.49 4.35 2.87
N GLU B 225 -2.38 5.66 2.75
CA GLU B 225 -1.36 6.37 3.47
C GLU B 225 -1.53 6.39 4.96
N ASP B 226 -2.71 6.08 5.49
CA ASP B 226 -2.87 6.14 6.91
C ASP B 226 -2.89 4.72 7.49
N GLY B 227 -2.59 3.75 6.69
CA GLY B 227 -2.45 2.44 7.20
C GLY B 227 -3.54 1.48 6.82
N GLY B 228 -4.60 1.96 6.19
CA GLY B 228 -5.68 1.03 5.84
C GLY B 228 -5.19 0.09 4.78
N ILE B 229 -5.77 -1.10 4.73
CA ILE B 229 -5.37 -2.08 3.79
C ILE B 229 -6.60 -2.82 3.29
N ILE B 230 -6.59 -3.14 1.99
CA ILE B 230 -7.69 -3.92 1.46
C ILE B 230 -7.18 -5.01 0.62
N HIS B 231 -7.73 -6.18 0.84
CA HIS B 231 -7.34 -7.33 0.04
C HIS B 231 -8.56 -7.78 -0.68
N VAL B 232 -8.45 -8.08 -1.95
CA VAL B 232 -9.58 -8.41 -2.76
C VAL B 232 -9.28 -9.63 -3.61
N ASN B 233 -10.26 -10.52 -3.71
CA ASN B 233 -10.23 -11.60 -4.72
C ASN B 233 -11.43 -11.62 -5.65
N GLN B 234 -11.19 -11.79 -6.94
CA GLN B 234 -12.25 -11.77 -7.89
C GLN B 234 -12.13 -12.94 -8.88
N ASP B 235 -13.27 -13.47 -9.29
CA ASP B 235 -13.30 -14.46 -10.36
C ASP B 235 -14.15 -13.95 -11.57
N SER B 236 -13.61 -14.08 -12.76
CA SER B 236 -14.32 -13.57 -13.95
C SER B 236 -14.51 -14.71 -14.85
N SER B 237 -15.78 -14.98 -15.17
CA SER B 237 -16.15 -16.05 -16.08
C SER B 237 -17.34 -15.61 -16.96
N LEU B 238 -17.65 -16.45 -17.95
CA LEU B 238 -18.77 -16.21 -18.87
C LEU B 238 -19.70 -17.41 -18.92
N GLN B 239 -20.88 -17.24 -18.34
CA GLN B 239 -21.90 -18.27 -18.21
C GLN B 239 -23.11 -17.85 -19.02
N ASP B 240 -23.25 -18.42 -20.21
CA ASP B 240 -24.48 -18.27 -20.98
C ASP B 240 -24.47 -16.91 -21.71
N GLY B 241 -23.36 -16.56 -22.35
CA GLY B 241 -23.16 -15.22 -22.93
C GLY B 241 -23.20 -13.98 -22.00
N VAL B 242 -23.35 -14.16 -20.69
CA VAL B 242 -23.36 -13.09 -19.68
C VAL B 242 -22.09 -13.26 -18.79
N PHE B 243 -21.24 -12.24 -18.71
CA PHE B 243 -20.11 -12.27 -17.76
C PHE B 243 -20.57 -12.38 -16.32
N ILE B 244 -19.97 -13.31 -15.57
CA ILE B 244 -20.27 -13.46 -14.12
C ILE B 244 -19.02 -13.10 -13.27
N TYR B 245 -19.23 -12.24 -12.27
CA TYR B 245 -18.12 -11.69 -11.49
C TYR B 245 -18.39 -12.02 -10.04
N LYS B 246 -17.43 -12.67 -9.40
CA LYS B 246 -17.58 -13.00 -7.99
C LYS B 246 -16.46 -12.28 -7.28
N VAL B 247 -16.77 -11.55 -6.24
CA VAL B 247 -15.75 -10.76 -5.57
C VAL B 247 -15.77 -11.02 -4.07
N LYS B 248 -14.59 -11.11 -3.45
CA LYS B 248 -14.43 -11.20 -2.00
C LYS B 248 -13.52 -10.11 -1.52
N LEU B 249 -13.92 -9.36 -0.52
CA LEU B 249 -13.17 -8.20 -0.12
C LEU B 249 -13.03 -8.09 1.41
N ARG B 250 -11.79 -7.87 1.85
CA ARG B 250 -11.48 -7.69 3.27
C ARG B 250 -10.62 -6.46 3.44
N GLY B 251 -11.09 -5.54 4.26
CA GLY B 251 -10.39 -4.35 4.51
C GLY B 251 -10.25 -4.17 5.99
N THR B 252 -9.06 -3.77 6.42
CA THR B 252 -8.77 -3.49 7.83
C THR B 252 -7.87 -2.23 8.06
N ASN B 253 -7.78 -1.81 9.33
CA ASN B 253 -6.81 -0.84 9.75
C ASN B 253 -7.08 0.56 9.26
N PHE B 254 -8.34 0.88 8.97
CA PHE B 254 -8.72 2.20 8.63
C PHE B 254 -9.01 2.94 9.92
N PRO B 255 -8.25 4.01 10.19
CA PRO B 255 -8.57 4.74 11.40
C PRO B 255 -10.05 5.11 11.44
N PRO B 256 -10.67 5.01 12.62
CA PRO B 256 -12.11 5.24 12.69
C PRO B 256 -12.48 6.69 12.40
N ASP B 257 -11.55 7.62 12.60
CA ASP B 257 -11.83 9.03 12.24
C ASP B 257 -11.09 9.56 11.00
N GLY B 258 -10.58 8.65 10.18
CA GLY B 258 -9.92 9.02 8.93
C GLY B 258 -10.96 9.14 7.82
N PRO B 259 -10.55 9.67 6.65
CA PRO B 259 -11.41 9.89 5.46
C PRO B 259 -12.27 8.69 4.99
N VAL B 260 -11.71 7.50 4.98
CA VAL B 260 -12.51 6.36 4.50
C VAL B 260 -13.72 6.06 5.44
N MET B 261 -13.48 5.95 6.75
CA MET B 261 -14.56 5.57 7.68
C MET B 261 -15.51 6.72 7.93
N GLN B 262 -15.06 7.97 7.77
CA GLN B 262 -15.89 9.14 7.89
C GLN B 262 -16.52 9.57 6.55
N LYS B 263 -16.30 8.79 5.48
CA LYS B 263 -16.91 9.08 4.17
C LYS B 263 -16.54 10.44 3.68
N LYS B 264 -15.25 10.74 3.62
CA LYS B 264 -14.75 12.07 3.22
C LYS B 264 -14.07 12.07 1.85
N THR B 265 -14.03 10.93 1.20
CA THR B 265 -13.37 10.85 -0.08
C THR B 265 -14.36 11.34 -1.12
N MET B 266 -13.83 11.87 -2.23
CA MET B 266 -14.59 12.27 -3.44
C MET B 266 -14.03 11.72 -4.77
N GLY B 267 -13.81 10.42 -4.91
CA GLY B 267 -13.41 9.86 -6.19
C GLY B 267 -11.94 9.77 -6.35
N TRP B 268 -11.50 8.93 -7.28
CA TRP B 268 -10.11 8.65 -7.52
C TRP B 268 -9.54 9.72 -8.41
N GLU B 269 -8.28 10.10 -8.22
CA GLU B 269 -7.66 11.22 -8.95
C GLU B 269 -6.14 11.19 -8.73
N ALA B 270 -5.40 11.78 -9.65
CA ALA B 270 -3.94 11.96 -9.50
C ALA B 270 -3.80 12.98 -8.46
N THR B 271 -2.63 13.03 -7.89
CA THR B 271 -2.35 14.02 -6.84
C THR B 271 -2.04 15.37 -7.55
N ARG B 272 -2.43 16.50 -6.96
CA ARG B 272 -2.34 17.85 -7.55
C ARG B 272 -1.44 18.76 -6.73
N ASP B 273 -0.85 19.79 -7.33
CA ASP B 273 -0.23 20.85 -6.56
C ASP B 273 -1.30 21.84 -6.21
N GLN B 274 -1.03 22.64 -5.20
CA GLN B 274 -1.95 23.63 -4.78
C GLN B 274 -1.52 24.87 -5.53
N LEU B 275 -2.44 25.64 -6.10
CA LEU B 275 -2.14 26.72 -7.02
C LEU B 275 -2.20 28.07 -6.30
N THR B 276 -1.32 28.98 -6.67
CA THR B 276 -1.45 30.35 -6.17
C THR B 276 -2.40 31.12 -7.06
N GLU B 277 -2.93 32.22 -6.52
CA GLU B 277 -3.82 33.11 -7.27
C GLU B 277 -3.19 33.52 -8.60
N GLU B 278 -1.93 33.86 -8.51
CA GLU B 278 -1.09 34.22 -9.63
C GLU B 278 -1.07 33.19 -10.76
N GLN B 279 -0.85 31.92 -10.41
CA GLN B 279 -0.90 30.89 -11.42
C GLN B 279 -2.32 30.75 -11.92
N ILE B 280 -3.30 30.95 -11.03
CA ILE B 280 -4.69 30.85 -11.41
C ILE B 280 -4.98 31.85 -12.48
N ALA B 281 -4.56 33.11 -12.28
CA ALA B 281 -4.76 34.19 -13.30
C ALA B 281 -4.11 33.84 -14.64
N GLU B 282 -2.88 33.32 -14.62
CA GLU B 282 -2.24 32.85 -15.86
C GLU B 282 -3.00 31.70 -16.51
N PHE B 283 -3.56 30.80 -15.72
CA PHE B 283 -4.23 29.68 -16.34
C PHE B 283 -5.53 30.17 -17.00
N LYS B 284 -6.23 31.12 -16.36
CA LYS B 284 -7.36 31.78 -16.96
C LYS B 284 -7.02 32.33 -18.33
N GLU B 285 -5.89 33.04 -18.43
CA GLU B 285 -5.48 33.56 -19.72
C GLU B 285 -5.40 32.40 -20.74
N ALA B 286 -4.64 31.37 -20.39
CA ALA B 286 -4.45 30.24 -21.28
C ALA B 286 -5.79 29.57 -21.69
N PHE B 287 -6.71 29.35 -20.75
CA PHE B 287 -8.03 28.76 -21.04
C PHE B 287 -8.77 29.57 -22.09
N SER B 288 -8.69 30.92 -22.00
CA SER B 288 -9.36 31.84 -22.94
C SER B 288 -8.93 31.67 -24.38
N LEU B 289 -7.70 31.22 -24.56
CA LEU B 289 -7.18 30.96 -25.86
C LEU B 289 -7.92 29.78 -26.48
N PHE B 290 -8.38 28.82 -25.67
CA PHE B 290 -9.16 27.71 -26.22
C PHE B 290 -10.63 28.14 -26.31
N ASP B 291 -11.13 28.81 -25.27
CA ASP B 291 -12.56 29.14 -25.14
C ASP B 291 -12.92 30.42 -25.88
N LYS B 292 -12.84 30.30 -27.19
CA LYS B 292 -12.94 31.44 -28.08
C LYS B 292 -14.28 32.13 -27.96
N ASP B 293 -15.38 31.40 -27.83
CA ASP B 293 -16.67 32.11 -27.57
C ASP B 293 -16.88 32.55 -26.13
N GLY B 294 -15.91 32.31 -25.23
CA GLY B 294 -16.03 32.77 -23.85
C GLY B 294 -17.29 32.28 -23.09
N ASP B 295 -17.86 31.13 -23.46
CA ASP B 295 -18.97 30.56 -22.65
C ASP B 295 -18.50 29.78 -21.43
N GLY B 296 -17.20 29.74 -21.14
CA GLY B 296 -16.72 29.11 -19.87
C GLY B 296 -16.39 27.63 -19.99
N THR B 297 -16.43 27.14 -21.22
CA THR B 297 -16.37 25.73 -21.52
C THR B 297 -15.44 25.56 -22.72
N ILE B 298 -14.72 24.45 -22.87
CA ILE B 298 -13.93 24.17 -24.06
C ILE B 298 -14.52 22.90 -24.72
N THR B 299 -15.03 23.02 -25.93
CA THR B 299 -15.58 21.91 -26.65
C THR B 299 -14.60 21.21 -27.51
N THR B 300 -15.05 20.08 -28.04
CA THR B 300 -14.23 19.37 -29.00
C THR B 300 -13.88 20.17 -30.27
N LYS B 301 -14.81 21.01 -30.75
CA LYS B 301 -14.51 21.85 -31.94
C LYS B 301 -13.48 22.88 -31.52
N GLU B 302 -13.62 23.50 -30.36
CA GLU B 302 -12.64 24.50 -29.94
C GLU B 302 -11.24 23.95 -29.70
N LEU B 303 -11.15 22.81 -29.04
CA LEU B 303 -9.86 22.14 -28.90
C LEU B 303 -9.28 21.74 -30.28
N GLY B 304 -10.11 21.15 -31.13
CA GLY B 304 -9.68 20.84 -32.48
C GLY B 304 -9.11 22.01 -33.24
N THR B 305 -9.74 23.17 -33.08
CA THR B 305 -9.34 24.37 -33.79
C THR B 305 -7.96 24.80 -33.37
N VAL B 306 -7.72 24.79 -32.07
CA VAL B 306 -6.42 25.18 -31.59
C VAL B 306 -5.34 24.17 -31.99
N MET B 307 -5.57 22.90 -31.74
CA MET B 307 -4.53 21.92 -32.08
C MET B 307 -4.19 21.96 -33.58
N ARG B 308 -5.20 22.07 -34.44
CA ARG B 308 -4.98 22.18 -35.90
C ARG B 308 -4.23 23.42 -36.26
N SER B 309 -4.64 24.54 -35.72
CA SER B 309 -4.00 25.77 -36.05
C SER B 309 -2.50 25.66 -35.68
N LEU B 310 -2.15 24.85 -34.69
CA LEU B 310 -0.73 24.59 -34.38
C LEU B 310 -0.12 23.50 -35.26
N GLY B 311 -0.89 22.92 -36.17
CA GLY B 311 -0.36 21.90 -37.05
C GLY B 311 -0.41 20.46 -36.58
N GLN B 312 -1.22 20.14 -35.58
CA GLN B 312 -1.34 18.77 -35.20
C GLN B 312 -2.57 18.26 -35.84
N ASN B 313 -2.81 16.96 -35.76
CA ASN B 313 -3.85 16.31 -36.55
C ASN B 313 -4.65 15.29 -35.76
N PRO B 314 -5.16 15.71 -34.60
CA PRO B 314 -6.00 14.85 -33.83
C PRO B 314 -7.23 14.43 -34.63
N THR B 315 -7.55 13.16 -34.51
CA THR B 315 -8.81 12.62 -34.96
C THR B 315 -9.97 13.24 -34.18
N GLU B 316 -11.18 13.17 -34.70
CA GLU B 316 -12.33 13.67 -33.97
C GLU B 316 -12.63 12.81 -32.74
N ALA B 317 -12.50 11.50 -32.87
CA ALA B 317 -12.70 10.59 -31.72
C ALA B 317 -11.65 10.83 -30.60
N GLU B 318 -10.41 11.14 -30.98
CA GLU B 318 -9.37 11.52 -30.04
C GLU B 318 -9.77 12.74 -29.29
N LEU B 319 -10.26 13.77 -29.98
CA LEU B 319 -10.69 15.00 -29.33
C LEU B 319 -11.75 14.69 -28.30
N GLN B 320 -12.73 13.88 -28.66
CA GLN B 320 -13.80 13.60 -27.74
C GLN B 320 -13.28 12.76 -26.55
N ASP B 321 -12.37 11.84 -26.78
CA ASP B 321 -11.65 11.16 -25.70
C ASP B 321 -10.93 12.10 -24.72
N MET B 322 -10.24 13.10 -25.26
CA MET B 322 -9.50 14.03 -24.44
C MET B 322 -10.44 14.83 -23.59
N ILE B 323 -11.54 15.29 -24.16
CA ILE B 323 -12.55 16.04 -23.38
C ILE B 323 -13.13 15.14 -22.28
N ASN B 324 -13.45 13.90 -22.62
CA ASN B 324 -14.06 12.96 -21.64
C ASN B 324 -13.16 12.74 -20.46
N GLU B 325 -11.88 12.61 -20.75
CA GLU B 325 -10.93 12.28 -19.80
C GLU B 325 -10.77 13.37 -18.74
N VAL B 326 -10.92 14.65 -19.09
CA VAL B 326 -10.76 15.72 -18.15
C VAL B 326 -12.11 16.15 -17.62
N ASP B 327 -13.21 15.52 -18.00
CA ASP B 327 -14.53 15.96 -17.54
C ASP B 327 -14.76 15.34 -16.21
N ALA B 328 -14.07 15.89 -15.21
CA ALA B 328 -14.05 15.34 -13.92
C ALA B 328 -15.44 15.09 -13.32
N ASP B 329 -16.37 16.03 -13.36
CA ASP B 329 -17.65 15.80 -12.64
C ASP B 329 -18.69 15.07 -13.54
N GLY B 330 -18.24 14.72 -14.73
CA GLY B 330 -19.01 14.01 -15.72
C GLY B 330 -20.27 14.69 -16.20
N ASP B 331 -20.27 16.02 -16.31
CA ASP B 331 -21.47 16.75 -16.71
C ASP B 331 -21.50 17.04 -18.25
N GLY B 332 -20.57 16.48 -19.00
CA GLY B 332 -20.56 16.67 -20.39
C GLY B 332 -19.98 17.98 -20.86
N THR B 333 -19.35 18.76 -19.97
CA THR B 333 -18.63 19.97 -20.33
C THR B 333 -17.23 20.00 -19.67
N PHE B 334 -16.25 20.58 -20.36
CA PHE B 334 -14.91 20.81 -19.83
C PHE B 334 -14.83 22.27 -19.44
N ASP B 335 -14.87 22.55 -18.14
CA ASP B 335 -14.86 23.97 -17.67
C ASP B 335 -13.54 24.39 -17.03
N PHE B 336 -13.46 25.64 -16.54
CA PHE B 336 -12.19 26.21 -16.08
C PHE B 336 -11.70 25.49 -14.83
N PRO B 337 -12.61 25.17 -13.86
CA PRO B 337 -12.13 24.46 -12.66
C PRO B 337 -11.54 23.10 -13.05
N GLU B 338 -12.06 22.46 -14.09
CA GLU B 338 -11.46 21.22 -14.56
C GLU B 338 -10.16 21.46 -15.32
N PHE B 339 -10.05 22.61 -15.96
CA PHE B 339 -8.78 23.01 -16.58
C PHE B 339 -7.69 23.27 -15.55
N LEU B 340 -8.03 23.94 -14.46
CA LEU B 340 -7.17 24.06 -13.28
C LEU B 340 -6.68 22.73 -12.74
N THR B 341 -7.58 21.82 -12.45
CA THR B 341 -7.21 20.47 -12.06
C THR B 341 -6.24 19.86 -12.99
N MET B 342 -6.51 19.93 -14.29
CA MET B 342 -5.60 19.30 -15.24
C MET B 342 -4.25 19.98 -15.17
N MET B 343 -4.22 21.30 -15.06
CA MET B 343 -2.90 22.02 -14.96
C MET B 343 -2.22 21.96 -13.59
N ALA B 344 -2.95 21.63 -12.53
CA ALA B 344 -2.35 21.46 -11.21
C ALA B 344 -1.79 20.06 -11.03
N ARG B 345 -1.99 19.15 -11.97
CA ARG B 345 -1.55 17.75 -11.76
C ARG B 345 -0.05 17.71 -11.48
N LYS B 346 0.30 16.98 -10.41
CA LYS B 346 1.67 16.89 -9.95
C LYS B 346 2.44 15.93 -10.79
N MET B 347 3.60 16.36 -11.26
CA MET B 347 4.35 15.53 -12.15
C MET B 347 5.73 15.31 -11.53
N ASN B 348 6.32 14.13 -11.70
CA ASN B 348 7.66 13.90 -11.20
C ASN B 348 8.66 14.53 -12.20
N ASP B 349 9.94 14.61 -11.83
CA ASP B 349 10.89 15.40 -12.61
C ASP B 349 11.11 14.91 -14.04
N THR B 350 10.87 13.64 -14.27
CA THR B 350 11.20 13.04 -15.56
C THR B 350 10.02 13.19 -16.50
N ASP B 351 8.82 13.04 -15.96
CA ASP B 351 7.62 13.47 -16.69
C ASP B 351 7.55 14.99 -16.90
N SER B 352 8.00 15.73 -15.92
CA SER B 352 8.05 17.14 -16.05
C SER B 352 9.06 17.66 -17.13
N GLU B 353 10.17 16.94 -17.33
CA GLU B 353 11.14 17.25 -18.39
C GLU B 353 10.59 16.87 -19.74
N GLU B 354 9.99 15.70 -19.82
CA GLU B 354 9.33 15.26 -21.05
C GLU B 354 8.21 16.21 -21.55
N GLU B 355 7.48 16.83 -20.61
CA GLU B 355 6.47 17.84 -20.96
C GLU B 355 7.16 19.02 -21.65
N ILE B 356 8.16 19.56 -20.98
CA ILE B 356 8.90 20.71 -21.51
C ILE B 356 9.58 20.33 -22.86
N ARG B 357 9.86 19.04 -23.05
CA ARG B 357 10.63 18.60 -24.21
C ARG B 357 9.68 18.67 -25.38
N GLU B 358 8.51 18.06 -25.20
CA GLU B 358 7.45 18.15 -26.22
C GLU B 358 6.84 19.55 -26.35
N ALA B 359 6.86 20.38 -25.29
CA ALA B 359 6.46 21.77 -25.48
C ALA B 359 7.41 22.42 -26.49
N PHE B 360 8.68 22.37 -26.20
CA PHE B 360 9.68 22.92 -27.14
C PHE B 360 9.47 22.48 -28.59
N ARG B 361 9.24 21.20 -28.80
CA ARG B 361 9.04 20.68 -30.12
C ARG B 361 7.93 21.37 -30.89
N VAL B 362 6.97 21.91 -30.16
CA VAL B 362 5.82 22.54 -30.80
C VAL B 362 6.21 23.94 -31.23
N PHE B 363 7.09 24.58 -30.46
CA PHE B 363 7.53 25.94 -30.81
C PHE B 363 8.53 25.89 -31.98
N ASP B 364 9.39 24.88 -31.98
CA ASP B 364 10.36 24.63 -33.08
C ASP B 364 9.73 23.92 -34.34
N LYS B 365 8.97 24.66 -35.15
CA LYS B 365 8.30 24.03 -36.30
C LYS B 365 9.24 23.14 -37.13
N ASP B 366 10.40 23.67 -37.52
CA ASP B 366 11.33 23.01 -38.49
C ASP B 366 12.25 21.96 -37.88
N GLY B 367 12.19 21.81 -36.56
CA GLY B 367 12.89 20.74 -35.87
C GLY B 367 14.38 20.90 -35.89
N ASN B 368 14.88 22.12 -35.91
CA ASN B 368 16.31 22.36 -35.99
C ASN B 368 16.93 22.70 -34.61
N GLY B 369 16.18 22.52 -33.53
CA GLY B 369 16.70 22.73 -32.19
C GLY B 369 16.74 24.15 -31.72
N TYR B 370 16.27 25.07 -32.55
CA TYR B 370 16.18 26.46 -32.12
C TYR B 370 14.81 26.97 -32.48
N ILE B 371 14.41 27.97 -31.69
CA ILE B 371 13.18 28.70 -31.86
C ILE B 371 13.56 30.11 -32.32
N GLY B 372 13.28 30.38 -33.58
CA GLY B 372 13.42 31.72 -34.14
C GLY B 372 12.23 32.63 -33.84
N ALA B 373 12.48 33.93 -34.05
CA ALA B 373 11.49 34.99 -33.92
C ALA B 373 10.25 34.62 -34.74
N ALA B 374 10.48 34.26 -36.01
CA ALA B 374 9.40 33.94 -36.90
C ALA B 374 8.65 32.67 -36.44
N GLU B 375 9.33 31.77 -35.74
CA GLU B 375 8.65 30.59 -35.21
C GLU B 375 7.75 30.95 -34.03
N LEU B 376 8.26 31.83 -33.17
CA LEU B 376 7.56 32.22 -31.98
C LEU B 376 6.31 32.99 -32.32
N ARG B 377 6.44 33.96 -33.21
CA ARG B 377 5.31 34.76 -33.67
C ARG B 377 4.21 33.89 -34.23
N HIS B 378 4.64 32.94 -35.06
CA HIS B 378 3.79 32.00 -35.77
C HIS B 378 2.98 31.19 -34.80
N VAL B 379 3.65 30.66 -33.76
CA VAL B 379 2.98 29.92 -32.66
C VAL B 379 1.95 30.79 -31.92
N MET B 380 2.32 32.02 -31.58
CA MET B 380 1.42 32.92 -30.89
C MET B 380 0.19 33.14 -31.73
N THR B 381 0.39 33.35 -33.01
CA THR B 381 -0.72 33.52 -33.93
C THR B 381 -1.61 32.27 -34.01
N ASP B 382 -1.01 31.09 -34.08
CA ASP B 382 -1.73 29.82 -33.98
C ASP B 382 -2.60 29.72 -32.75
N LEU B 383 -2.12 30.19 -31.63
CA LEU B 383 -2.89 30.22 -30.41
C LEU B 383 -3.99 31.28 -30.42
N GLY B 384 -3.83 32.27 -31.27
CA GLY B 384 -4.77 33.37 -31.37
C GLY B 384 -4.37 34.54 -30.53
N GLU B 385 -3.08 34.89 -30.51
CA GLU B 385 -2.63 36.04 -29.75
C GLU B 385 -1.86 37.06 -30.61
N THR B 388 3.00 41.92 -31.28
CA THR B 388 3.78 42.76 -32.20
C THR B 388 5.26 42.38 -32.26
N ASP B 389 5.94 42.88 -33.29
CA ASP B 389 7.36 42.61 -33.49
C ASP B 389 8.25 43.03 -32.31
N GLU B 390 7.91 44.15 -31.66
CA GLU B 390 8.64 44.56 -30.48
C GLU B 390 8.44 43.54 -29.39
N GLU B 391 7.21 43.07 -29.24
CA GLU B 391 6.96 41.89 -28.35
C GLU B 391 7.81 40.63 -28.68
N VAL B 392 7.76 40.17 -29.93
CA VAL B 392 8.51 38.95 -30.32
C VAL B 392 9.99 39.15 -30.00
N ASP B 393 10.54 40.30 -30.40
CA ASP B 393 11.92 40.65 -30.11
C ASP B 393 12.23 40.78 -28.63
N GLU B 394 11.37 41.44 -27.85
CA GLU B 394 11.49 41.41 -26.38
C GLU B 394 11.61 39.97 -25.90
N MET B 395 10.71 39.13 -26.40
CA MET B 395 10.66 37.73 -25.91
C MET B 395 11.97 36.97 -26.15
N ILE B 396 12.44 36.93 -27.40
CA ILE B 396 13.74 36.30 -27.75
C ILE B 396 14.90 36.78 -26.84
N ARG B 397 15.02 38.10 -26.70
CA ARG B 397 16.07 38.70 -25.90
C ARG B 397 16.00 38.25 -24.48
N VAL B 398 14.83 38.33 -23.85
CA VAL B 398 14.78 37.95 -22.45
C VAL B 398 15.25 36.48 -22.25
N ALA B 399 14.97 35.61 -23.23
CA ALA B 399 15.24 34.17 -23.12
C ALA B 399 16.60 33.80 -23.68
N ASP B 400 17.09 34.61 -24.61
CA ASP B 400 18.32 34.29 -25.33
C ASP B 400 19.50 34.58 -24.43
N ILE B 401 20.00 33.55 -23.77
CA ILE B 401 21.15 33.70 -22.90
C ILE B 401 22.41 33.79 -23.74
N ASP B 402 22.82 32.69 -24.36
CA ASP B 402 24.09 32.67 -25.07
C ASP B 402 24.19 33.73 -26.19
N GLY B 403 23.16 34.58 -26.32
CA GLY B 403 23.26 35.78 -27.13
C GLY B 403 23.22 35.51 -28.63
N ASP B 404 22.92 34.28 -29.06
CA ASP B 404 22.87 33.92 -30.51
C ASP B 404 21.61 34.36 -31.31
N GLY B 405 20.72 35.14 -30.70
CA GLY B 405 19.46 35.58 -31.36
C GLY B 405 18.34 34.56 -31.59
N GLN B 406 18.52 33.35 -31.07
CA GLN B 406 17.53 32.26 -31.17
C GLN B 406 17.42 31.65 -29.79
N VAL B 407 16.32 30.94 -29.54
CA VAL B 407 16.17 30.23 -28.25
C VAL B 407 16.40 28.72 -28.37
N ASN B 408 17.43 28.22 -27.70
CA ASN B 408 17.69 26.78 -27.74
C ASN B 408 16.97 26.11 -26.60
N TYR B 409 16.99 24.78 -26.60
CA TYR B 409 16.25 23.99 -25.62
C TYR B 409 16.57 24.41 -24.20
N GLU B 410 17.84 24.61 -23.90
CA GLU B 410 18.22 24.90 -22.52
C GLU B 410 17.72 26.27 -22.05
N GLU B 411 17.71 27.26 -22.94
CA GLU B 411 17.15 28.61 -22.65
C GLU B 411 15.64 28.53 -22.51
N PHE B 412 15.03 27.58 -23.22
CA PHE B 412 13.59 27.38 -23.19
C PHE B 412 13.16 26.79 -21.85
N VAL B 413 13.92 25.82 -21.33
CA VAL B 413 13.67 25.28 -19.99
C VAL B 413 13.65 26.40 -18.95
N GLN B 414 14.58 27.34 -19.09
CA GLN B 414 14.68 28.46 -18.15
C GLN B 414 13.48 29.36 -18.17
N MET B 415 13.06 29.74 -19.36
CA MET B 415 11.88 30.54 -19.52
C MET B 415 10.58 29.92 -18.91
N MET B 416 10.48 28.59 -18.84
CA MET B 416 9.24 27.92 -18.36
C MET B 416 9.21 27.59 -16.85
#